data_7DQ7
#
_entry.id   7DQ7
#
_cell.length_a   1.00
_cell.length_b   1.00
_cell.length_c   1.00
_cell.angle_alpha   90.00
_cell.angle_beta   90.00
_cell.angle_gamma   90.00
#
_symmetry.space_group_name_H-M   'P 1'
#
loop_
_entity.id
_entity.type
_entity.pdbx_description
1 polymer 'Virion protein 1'
2 polymer VP2
3 polymer VP3
4 polymer 'Capsid protein VP4'
5 polymer '5F5 VL'
6 polymer '5F5 VH'
7 non-polymer 'PALMITIC ACID'
#
loop_
_entity_poly.entity_id
_entity_poly.type
_entity_poly.pdbx_seq_one_letter_code
_entity_poly.pdbx_strand_id
1 'polypeptide(L)'
;GPVEESVDRAVARVADTISSRPTNSESIPALTAAETGHTSQVVPSDTMQTRHVKNYHSRSESSIENFLCRSACVYYATYT
NNSKKGFAEWVINTRQVAQLRRKLELFTYLRFDLELTFVITSAQQPSTASSVDAPVQTHQIMYVPPGGPVPTKVKDYAWQ
TSTNPSVFWTEGNAPPRMSIPFISIGNAYSCFYDGWTQFSRNGVYGINTLNNMGTLYMRHVNEAGQGPIKSTVRIYFKPK
HVKAWVPRPPRLCQYEKQKNVNFSPIGVTTSRTDIITT
;
A
2 'polypeptide(L)'
;SPSAEECGYSDRVRSITLGNSTITTQECANVVVGYGVWPEYLKDNEATAEDQPTQPDVATCRFYTLESVQWMKNSAGWWW
KLPDALSQMGLFGQNMQYHYLGRTGYTIHVQCNASKFHQGCLLVVCVPEAEMGCSNLNNTPEFSELSGGDSARMFTDTQV
GESNAKKVQTAVWNAGMGVGVGNLTIFPHQWINLRTNNSATLVMPYINSVPMDNMFRHNNLTLMIIPFVPLNYSEGSSPY
VPITVTIAPMCAEYNGLRLASNQ
;
B
3 'polypeptide(L)'
;GLPVMTTPGSTQFLTSDDFQSPSAMPQFDVTPEMQIPGRVNNLMEIAEVDSVVPVNNTEDNVSSLKAYQIPVQSNSDNGK
QVFGFPLQPGANNVLNRTLLGEILNYYTHWSGSIKLTFMFCGSAMATGKFLLAYSPPGAGVPKNRKDAMLGTHVIWDVGL
QSSCVLCVPWISQTHYRYVVEDEYTAAGYVTCWYQTNIVVPADVQSSCDILCFVSACNDFSVRMLKDTPFIRQDTFYQ
;
C
4 'polypeptide(L)' MGAQVSTQKTGAHETGLNASGNSVIHYTNINYYKDAASNSANRQDFTQDPGKFTEPVKDIMVKTMPALN D
5 'polypeptide(L)'
;QIVLSQSPAILSASPGEKVTMTCRASSSVSYLHWYQQKPGSSPKPWISATSNLASGVPARFSGSGSGTSYSLTISRVEAE
DAATYYCQQWSSNPLSFGGGTKLELK
;
L
6 'polypeptide(L)'
;EIQLQQSGPELVKPGASVKVSCKASGYSFTDYNIYWVKQSHGKSLEWIGYVDPYNGNTNYNQKFKGKATLTVDKSSSTAF
MHLNSLTSEVSTVYYCARGGGYYGGGYYGMDYWGQGTSVTVSS
;
H
#
loop_
_chem_comp.id
_chem_comp.type
_chem_comp.name
_chem_comp.formula
PLM non-polymer 'PALMITIC ACID' 'C16 H32 O2'
#
# COMPACT_ATOMS: atom_id res chain seq x y z
N ALA A 12 32.02 5.20 11.25
CA ALA A 12 31.03 4.13 11.12
C ALA A 12 31.46 3.12 10.09
N ARG A 13 32.59 2.45 10.34
CA ARG A 13 33.17 1.50 9.41
C ARG A 13 32.32 0.23 9.33
N VAL A 14 32.16 -0.25 8.11
CA VAL A 14 31.41 -1.48 7.88
C VAL A 14 32.24 -2.68 8.33
N ALA A 15 31.59 -3.82 8.47
CA ALA A 15 32.25 -5.00 9.00
C ALA A 15 33.18 -5.61 7.96
N ASP A 16 34.26 -6.20 8.44
CA ASP A 16 35.25 -6.79 7.55
C ASP A 16 35.05 -8.30 7.44
N THR A 17 35.67 -8.90 6.44
CA THR A 17 35.45 -10.30 6.09
C THR A 17 36.50 -11.16 6.77
N ILE A 18 36.06 -12.20 7.46
CA ILE A 18 36.97 -13.16 8.04
C ILE A 18 37.21 -14.28 7.04
N SER A 19 38.29 -15.03 7.23
CA SER A 19 38.58 -16.13 6.32
C SER A 19 37.68 -17.33 6.64
N SER A 20 37.68 -18.31 5.74
CA SER A 20 36.85 -19.48 5.90
C SER A 20 37.62 -20.71 5.43
N ARG A 21 37.10 -21.89 5.75
CA ARG A 21 37.72 -23.16 5.48
C ARG A 21 36.66 -24.08 4.87
N PRO A 22 37.07 -25.15 4.18
CA PRO A 22 36.08 -26.13 3.68
C PRO A 22 35.41 -26.85 4.83
N THR A 23 34.07 -26.92 4.80
CA THR A 23 33.29 -27.53 5.86
C THR A 23 32.48 -28.70 5.33
N ASN A 24 32.10 -29.60 6.25
CA ASN A 24 31.19 -30.72 5.99
C ASN A 24 30.53 -31.02 7.33
N SER A 25 29.34 -30.47 7.55
CA SER A 25 28.72 -30.57 8.86
C SER A 25 27.21 -30.49 8.72
N GLU A 26 26.53 -30.46 9.86
CA GLU A 26 25.08 -30.32 9.92
C GLU A 26 24.64 -28.87 10.08
N SER A 27 25.56 -27.92 10.04
CA SER A 27 25.21 -26.52 10.15
C SER A 27 24.86 -25.98 8.78
N ILE A 28 23.65 -25.48 8.62
CA ILE A 28 23.17 -24.96 7.34
C ILE A 28 22.90 -23.46 7.50
N PRO A 29 23.82 -22.60 7.07
CA PRO A 29 23.55 -21.16 7.09
C PRO A 29 22.79 -20.66 5.88
N ALA A 30 22.70 -21.46 4.82
CA ALA A 30 22.05 -21.03 3.59
C ALA A 30 20.55 -21.31 3.60
N LEU A 31 20.14 -22.48 4.09
CA LEU A 31 18.73 -22.84 4.12
C LEU A 31 18.04 -22.13 5.27
N THR A 32 17.16 -21.19 4.95
CA THR A 32 16.39 -20.46 5.93
C THR A 32 14.91 -20.66 5.65
N ALA A 33 14.06 -19.88 6.32
CA ALA A 33 12.63 -19.87 6.07
C ALA A 33 12.16 -18.42 6.04
N ALA A 34 11.79 -17.94 4.87
CA ALA A 34 11.40 -16.54 4.70
C ALA A 34 9.97 -16.25 5.13
N GLU A 35 9.22 -17.26 5.59
CA GLU A 35 7.85 -17.04 6.02
C GLU A 35 7.79 -16.32 7.35
N THR A 36 8.87 -16.33 8.12
CA THR A 36 8.87 -15.77 9.46
C THR A 36 8.99 -14.25 9.48
N GLY A 37 9.05 -13.60 8.32
CA GLY A 37 9.19 -12.15 8.27
C GLY A 37 10.54 -11.66 8.74
N HIS A 38 11.59 -12.43 8.50
CA HIS A 38 12.92 -12.18 9.04
C HIS A 38 13.93 -12.34 7.91
N THR A 39 14.62 -11.27 7.56
CA THR A 39 15.62 -11.34 6.51
C THR A 39 16.88 -12.02 7.04
N SER A 40 17.50 -12.82 6.19
CA SER A 40 18.62 -13.65 6.62
C SER A 40 19.86 -12.80 6.85
N GLN A 41 20.74 -13.28 7.72
CA GLN A 41 21.91 -12.53 8.15
C GLN A 41 23.18 -13.23 7.73
N VAL A 42 23.14 -13.98 6.63
CA VAL A 42 24.29 -14.75 6.17
C VAL A 42 25.28 -13.81 5.49
N VAL A 43 26.55 -13.95 5.85
CA VAL A 43 27.66 -13.18 5.27
C VAL A 43 28.24 -14.03 4.15
N PRO A 44 29.03 -13.49 3.21
CA PRO A 44 29.55 -14.34 2.13
C PRO A 44 30.58 -15.37 2.54
N SER A 45 31.13 -15.30 3.75
CA SER A 45 32.10 -16.29 4.20
C SER A 45 31.44 -17.57 4.70
N ASP A 46 30.12 -17.70 4.57
CA ASP A 46 29.41 -18.89 5.01
C ASP A 46 29.07 -19.84 3.88
N THR A 47 29.08 -19.37 2.64
CA THR A 47 28.73 -20.23 1.50
C THR A 47 29.89 -20.51 0.57
N MET A 48 31.08 -19.96 0.85
CA MET A 48 32.24 -20.19 -0.01
C MET A 48 33.49 -19.98 0.82
N GLN A 49 34.64 -20.11 0.15
CA GLN A 49 35.93 -19.87 0.78
C GLN A 49 36.37 -18.44 0.50
N THR A 50 36.55 -17.65 1.55
CA THR A 50 36.96 -16.26 1.40
C THR A 50 38.28 -16.02 2.12
N ARG A 51 38.94 -14.93 1.74
CA ARG A 51 40.15 -14.48 2.39
C ARG A 51 39.82 -13.39 3.39
N HIS A 52 40.81 -12.99 4.17
CA HIS A 52 40.64 -11.93 5.15
C HIS A 52 40.91 -10.60 4.47
N VAL A 53 40.02 -9.63 4.68
CA VAL A 53 40.18 -8.31 4.09
C VAL A 53 39.60 -7.29 5.06
N LYS A 54 40.33 -6.21 5.31
CA LYS A 54 39.89 -5.15 6.22
C LYS A 54 39.20 -4.07 5.43
N ASN A 55 37.92 -3.85 5.70
CA ASN A 55 37.17 -2.81 5.02
C ASN A 55 37.38 -1.48 5.72
N TYR A 56 37.95 -0.51 5.02
CA TYR A 56 38.06 0.85 5.51
C TYR A 56 36.94 1.72 4.98
N HIS A 57 35.88 1.12 4.44
CA HIS A 57 34.76 1.88 3.92
C HIS A 57 33.93 2.43 5.07
N SER A 58 33.19 3.49 4.78
CA SER A 58 32.44 4.18 5.82
C SER A 58 31.05 4.49 5.30
N ARG A 59 30.11 4.63 6.24
CA ARG A 59 28.71 4.93 5.93
C ARG A 59 28.34 6.35 6.36
N SER A 60 29.24 7.31 6.16
CA SER A 60 28.96 8.67 6.59
C SER A 60 28.02 9.39 5.65
N GLU A 61 28.08 9.08 4.36
CA GLU A 61 27.30 9.78 3.36
C GLU A 61 25.83 9.41 3.39
N SER A 62 25.49 8.28 4.02
CA SER A 62 24.13 7.76 3.94
C SER A 62 23.30 8.04 5.17
N SER A 63 23.80 8.81 6.13
CA SER A 63 23.02 9.06 7.34
C SER A 63 21.92 10.07 7.03
N ILE A 64 20.94 10.15 7.94
CA ILE A 64 19.73 10.94 7.68
C ILE A 64 20.03 12.43 7.69
N GLU A 65 21.01 12.85 8.48
CA GLU A 65 21.44 14.24 8.42
C GLU A 65 22.17 14.56 7.13
N ASN A 66 22.96 13.62 6.62
CA ASN A 66 23.69 13.88 5.38
C ASN A 66 22.81 13.67 4.16
N PHE A 67 21.65 13.03 4.32
CA PHE A 67 20.78 12.77 3.18
C PHE A 67 19.81 13.91 2.96
N LEU A 68 19.38 14.59 4.02
CA LEU A 68 18.31 15.57 3.93
C LEU A 68 18.79 17.01 4.03
N CYS A 69 19.94 17.28 4.64
CA CYS A 69 20.38 18.65 4.86
C CYS A 69 21.07 19.21 3.61
N ARG A 70 20.25 19.48 2.60
CA ARG A 70 20.67 20.16 1.38
C ARG A 70 19.52 21.04 0.92
N SER A 71 19.84 22.25 0.47
CA SER A 71 18.81 23.21 0.10
C SER A 71 18.11 22.78 -1.19
N ALA A 72 16.82 23.12 -1.30
CA ALA A 72 16.02 22.69 -2.43
C ALA A 72 14.90 23.69 -2.66
N CYS A 73 14.66 24.02 -3.93
CA CYS A 73 13.63 25.00 -4.28
C CYS A 73 12.25 24.46 -4.00
N VAL A 74 11.38 25.31 -3.48
CA VAL A 74 10.01 24.95 -3.11
C VAL A 74 8.99 25.72 -3.94
N TYR A 75 9.25 26.99 -4.21
CA TYR A 75 8.28 27.83 -4.91
C TYR A 75 9.00 29.01 -5.54
N TYR A 76 8.32 29.66 -6.48
CA TYR A 76 8.72 30.99 -6.93
C TYR A 76 7.50 31.76 -7.41
N ALA A 77 7.46 33.03 -7.04
CA ALA A 77 6.31 33.89 -7.33
C ALA A 77 6.79 35.22 -7.86
N THR A 78 5.93 35.90 -8.61
CA THR A 78 6.24 37.16 -9.26
C THR A 78 5.31 38.28 -8.80
N TYR A 79 5.76 39.51 -8.97
CA TYR A 79 4.97 40.69 -8.61
C TYR A 79 5.51 41.90 -9.35
N THR A 80 4.60 42.75 -9.84
CA THR A 80 4.96 43.85 -10.72
C THR A 80 4.96 45.17 -9.96
N ASN A 81 5.98 46.00 -10.22
CA ASN A 81 6.11 47.30 -9.58
C ASN A 81 5.00 48.25 -9.98
N ASN A 82 4.82 48.47 -11.28
CA ASN A 82 3.86 49.45 -11.80
C ASN A 82 2.50 48.81 -11.95
N SER A 83 1.86 48.54 -10.82
CA SER A 83 0.51 47.98 -10.81
C SER A 83 -0.12 48.25 -9.47
N LYS A 84 -1.44 48.26 -9.45
CA LYS A 84 -2.19 48.19 -8.21
C LYS A 84 -2.25 46.74 -7.77
N LYS A 85 -2.17 46.52 -6.45
CA LYS A 85 -2.06 45.22 -5.77
C LYS A 85 -1.07 44.27 -6.45
N GLY A 86 0.09 44.81 -6.80
CA GLY A 86 1.17 43.96 -7.26
C GLY A 86 1.99 43.52 -6.08
N PHE A 87 1.66 42.33 -5.55
CA PHE A 87 2.31 41.73 -4.41
C PHE A 87 1.94 40.26 -4.39
N ALA A 88 2.84 39.43 -3.89
CA ALA A 88 2.71 37.97 -3.98
C ALA A 88 2.35 37.38 -2.63
N GLU A 89 1.65 36.26 -2.65
CA GLU A 89 1.36 35.50 -1.44
C GLU A 89 1.56 34.01 -1.70
N TRP A 90 1.81 33.26 -0.63
CA TRP A 90 2.08 31.84 -0.75
C TRP A 90 1.72 31.14 0.55
N VAL A 91 0.79 30.20 0.49
CA VAL A 91 0.48 29.37 1.64
C VAL A 91 1.55 28.30 1.79
N ILE A 92 2.20 28.25 2.93
CA ILE A 92 3.42 27.50 3.10
C ILE A 92 3.12 26.00 3.15
N ASN A 93 3.68 25.26 2.21
CA ASN A 93 3.62 23.81 2.20
C ASN A 93 4.76 23.30 1.33
N THR A 94 5.12 22.04 1.53
CA THR A 94 6.25 21.44 0.82
C THR A 94 5.79 20.41 -0.21
N ARG A 95 4.67 20.68 -0.90
CA ARG A 95 4.06 19.65 -1.73
C ARG A 95 3.79 20.13 -3.14
N GLN A 96 4.34 21.27 -3.56
CA GLN A 96 4.13 21.75 -4.91
C GLN A 96 5.29 21.46 -5.85
N VAL A 97 6.44 21.07 -5.33
CA VAL A 97 7.52 20.58 -6.16
C VAL A 97 7.61 19.07 -5.98
N ALA A 98 8.26 18.40 -6.93
CA ALA A 98 8.27 16.96 -6.96
C ALA A 98 9.54 16.33 -6.42
N GLN A 99 10.66 17.05 -6.41
CA GLN A 99 11.90 16.44 -5.93
C GLN A 99 11.97 16.43 -4.42
N LEU A 100 11.55 17.50 -3.76
CA LEU A 100 11.59 17.54 -2.30
C LEU A 100 10.47 16.71 -1.69
N ARG A 101 9.31 16.65 -2.37
CA ARG A 101 8.17 15.91 -1.84
C ARG A 101 8.42 14.42 -1.81
N ARG A 102 9.22 13.90 -2.74
CA ARG A 102 9.54 12.48 -2.71
C ARG A 102 10.60 12.15 -1.67
N LYS A 103 11.48 13.10 -1.36
CA LYS A 103 12.53 12.83 -0.38
C LYS A 103 11.98 12.83 1.03
N LEU A 104 10.99 13.66 1.31
CA LEU A 104 10.40 13.70 2.64
C LEU A 104 9.42 12.56 2.88
N GLU A 105 8.87 11.97 1.82
CA GLU A 105 7.86 10.95 1.96
C GLU A 105 8.44 9.54 1.96
N LEU A 106 9.72 9.40 2.28
CA LEU A 106 10.27 8.09 2.60
C LEU A 106 10.07 7.74 4.06
N PHE A 107 9.68 8.71 4.87
CA PHE A 107 9.38 8.52 6.28
C PHE A 107 7.98 9.03 6.56
N THR A 108 7.42 8.59 7.69
CA THR A 108 6.07 9.00 8.04
C THR A 108 6.05 10.20 8.97
N TYR A 109 6.93 10.22 9.98
CA TYR A 109 6.99 11.32 10.93
C TYR A 109 8.40 11.89 10.89
N LEU A 110 8.49 13.21 10.80
CA LEU A 110 9.75 13.92 10.74
C LEU A 110 9.77 15.01 11.80
N ARG A 111 10.97 15.44 12.16
CA ARG A 111 11.14 16.48 13.18
C ARG A 111 12.48 17.16 12.91
N PHE A 112 12.45 18.42 12.49
CA PHE A 112 13.66 19.11 12.10
C PHE A 112 13.52 20.61 12.27
N ASP A 113 14.66 21.28 12.39
CA ASP A 113 14.74 22.74 12.34
C ASP A 113 14.94 23.14 10.88
N LEU A 114 14.52 24.34 10.53
CA LEU A 114 14.59 24.76 9.15
C LEU A 114 15.64 25.86 8.98
N GLU A 115 16.12 26.02 7.77
CA GLU A 115 17.00 27.13 7.39
C GLU A 115 16.53 27.67 6.06
N LEU A 116 16.07 28.91 6.06
CA LEU A 116 15.32 29.47 4.95
C LEU A 116 16.16 30.49 4.20
N THR A 117 16.15 30.40 2.87
CA THR A 117 16.97 31.28 2.03
C THR A 117 16.17 31.70 0.82
N PHE A 118 16.27 32.97 0.44
CA PHE A 118 15.55 33.52 -0.69
C PHE A 118 16.54 33.99 -1.76
N VAL A 119 16.12 33.94 -3.02
CA VAL A 119 16.89 34.46 -4.13
C VAL A 119 15.96 35.35 -4.96
N ILE A 120 16.21 36.65 -4.95
CA ILE A 120 15.30 37.63 -5.53
C ILE A 120 15.98 38.31 -6.71
N THR A 121 15.35 38.25 -7.87
CA THR A 121 15.86 38.85 -9.10
C THR A 121 14.90 39.92 -9.58
N SER A 122 15.24 40.54 -10.71
CA SER A 122 14.41 41.58 -11.30
C SER A 122 14.67 41.63 -12.80
N ALA A 123 13.78 42.32 -13.50
CA ALA A 123 13.91 42.44 -14.95
C ALA A 123 13.11 43.66 -15.40
N GLN A 124 13.55 44.25 -16.52
CA GLN A 124 12.89 45.41 -17.07
C GLN A 124 11.63 45.00 -17.84
N GLN A 125 10.72 45.95 -17.99
CA GLN A 125 9.45 45.75 -18.67
C GLN A 125 9.27 46.86 -19.71
N PRO A 126 8.54 46.59 -20.80
CA PRO A 126 8.51 47.55 -21.91
C PRO A 126 7.70 48.81 -21.65
N SER A 127 8.32 49.81 -21.04
CA SER A 127 7.71 51.13 -20.93
C SER A 127 7.95 51.93 -22.19
N THR A 128 7.53 53.20 -22.18
CA THR A 128 7.65 54.06 -23.34
C THR A 128 8.30 55.41 -23.08
N ALA A 129 8.77 55.67 -21.87
CA ALA A 129 9.42 56.95 -21.59
C ALA A 129 10.84 56.97 -22.16
N SER A 130 11.41 58.16 -22.18
CA SER A 130 12.77 58.38 -22.68
C SER A 130 13.75 58.41 -21.52
N SER A 131 14.85 57.68 -21.67
CA SER A 131 15.97 57.62 -20.73
C SER A 131 15.52 57.18 -19.34
N VAL A 132 15.06 55.94 -19.26
CA VAL A 132 14.71 55.35 -17.97
C VAL A 132 15.98 54.90 -17.27
N ASP A 133 16.14 55.32 -16.02
CA ASP A 133 17.28 54.94 -15.20
C ASP A 133 16.84 54.92 -13.75
N ALA A 134 16.63 53.72 -13.21
CA ALA A 134 16.08 53.56 -11.89
C ALA A 134 17.19 53.21 -10.91
N PRO A 135 17.05 53.63 -9.64
CA PRO A 135 18.04 53.24 -8.63
C PRO A 135 17.90 51.79 -8.20
N VAL A 136 18.66 51.38 -7.19
CA VAL A 136 18.59 50.01 -6.70
C VAL A 136 17.25 49.80 -6.01
N GLN A 137 16.81 48.55 -5.95
CA GLN A 137 15.49 48.23 -5.45
C GLN A 137 15.58 47.54 -4.11
N THR A 138 14.57 47.77 -3.28
CA THR A 138 14.50 47.19 -1.95
C THR A 138 13.20 46.43 -1.82
N HIS A 139 13.27 45.23 -1.27
CA HIS A 139 12.13 44.33 -1.17
C HIS A 139 11.79 44.08 0.30
N GLN A 140 10.63 43.49 0.53
CA GLN A 140 10.18 43.15 1.87
C GLN A 140 9.45 41.82 1.84
N ILE A 141 9.85 40.89 2.70
CA ILE A 141 9.22 39.59 2.81
C ILE A 141 8.65 39.47 4.22
N MET A 142 7.33 39.28 4.31
CA MET A 142 6.62 39.31 5.57
C MET A 142 5.90 37.99 5.80
N TYR A 143 5.99 37.47 7.01
CA TYR A 143 5.39 36.19 7.36
C TYR A 143 4.25 36.41 8.34
N VAL A 144 3.06 35.92 7.99
CA VAL A 144 1.87 36.10 8.80
C VAL A 144 1.47 34.75 9.38
N PRO A 145 1.51 34.57 10.70
CA PRO A 145 1.00 33.34 11.32
C PRO A 145 -0.51 33.25 11.16
N PRO A 146 -1.10 32.04 11.30
CA PRO A 146 -2.53 31.90 11.00
C PRO A 146 -3.45 32.56 12.01
N GLY A 147 -4.04 33.68 11.62
CA GLY A 147 -4.94 34.40 12.50
C GLY A 147 -4.69 35.89 12.51
N GLY A 148 -3.53 36.31 12.01
CA GLY A 148 -3.20 37.71 11.98
C GLY A 148 -3.87 38.43 10.83
N PRO A 149 -3.60 39.72 10.71
CA PRO A 149 -4.15 40.50 9.60
C PRO A 149 -3.36 40.27 8.32
N VAL A 150 -4.07 40.38 7.20
CA VAL A 150 -3.45 40.15 5.89
C VAL A 150 -3.51 41.43 5.07
N PRO A 151 -2.52 41.72 4.25
CA PRO A 151 -2.58 42.91 3.39
C PRO A 151 -3.54 42.73 2.24
N THR A 152 -4.05 43.85 1.77
CA THR A 152 -4.98 43.91 0.65
C THR A 152 -4.42 44.64 -0.55
N LYS A 153 -3.67 45.72 -0.32
CA LYS A 153 -2.99 46.46 -1.37
C LYS A 153 -1.55 46.72 -0.94
N VAL A 154 -0.82 47.46 -1.77
CA VAL A 154 0.60 47.66 -1.52
C VAL A 154 0.81 48.71 -0.43
N LYS A 155 0.04 49.78 -0.46
CA LYS A 155 0.09 50.81 0.58
C LYS A 155 -0.99 50.49 1.61
N ASP A 156 -0.64 49.62 2.54
CA ASP A 156 -1.57 49.12 3.55
C ASP A 156 -1.01 49.33 4.94
N TYR A 157 -1.89 49.30 5.93
CA TYR A 157 -1.47 49.36 7.32
C TYR A 157 -0.85 48.06 7.80
N ALA A 158 -1.06 46.95 7.08
CA ALA A 158 -0.63 45.66 7.58
C ALA A 158 0.87 45.44 7.41
N TRP A 159 1.56 46.32 6.68
CA TRP A 159 3.00 46.20 6.51
C TRP A 159 3.77 46.91 7.59
N GLN A 160 3.14 47.32 8.68
CA GLN A 160 3.84 47.96 9.78
C GLN A 160 4.70 47.00 10.57
N THR A 161 4.45 45.69 10.42
CA THR A 161 5.18 44.55 11.02
C THR A 161 5.61 44.77 12.47
N SER A 162 4.64 45.13 13.31
CA SER A 162 4.94 45.41 14.70
C SER A 162 5.22 44.13 15.49
N THR A 163 4.67 43.01 15.07
CA THR A 163 4.96 41.74 15.75
C THR A 163 5.36 40.63 14.79
N ASN A 164 4.87 40.65 13.56
CA ASN A 164 5.28 39.64 12.59
C ASN A 164 6.72 39.88 12.15
N PRO A 165 7.51 38.83 11.94
CA PRO A 165 8.87 39.04 11.46
C PRO A 165 8.92 39.36 9.98
N SER A 166 9.85 40.25 9.61
CA SER A 166 10.01 40.66 8.23
C SER A 166 11.48 40.86 7.93
N VAL A 167 11.81 40.75 6.64
CA VAL A 167 13.18 40.86 6.15
C VAL A 167 13.22 41.91 5.05
N PHE A 168 14.10 42.88 5.19
CA PHE A 168 14.32 43.91 4.17
C PHE A 168 15.66 43.63 3.49
N TRP A 169 15.69 43.76 2.17
CA TRP A 169 16.85 43.37 1.39
C TRP A 169 17.00 44.31 0.20
N THR A 170 18.24 44.70 -0.08
CA THR A 170 18.59 45.57 -1.20
C THR A 170 19.32 44.76 -2.26
N GLU A 171 19.01 45.04 -3.52
CA GLU A 171 19.56 44.24 -4.62
C GLU A 171 21.05 44.46 -4.79
N GLY A 172 21.76 43.36 -5.06
CA GLY A 172 23.19 43.40 -5.25
C GLY A 172 23.99 42.82 -4.12
N ASN A 173 23.36 42.46 -3.00
CA ASN A 173 24.04 41.92 -1.83
C ASN A 173 23.88 40.42 -1.77
N ALA A 174 24.32 39.82 -0.67
CA ALA A 174 24.17 38.39 -0.45
C ALA A 174 22.70 38.06 -0.19
N PRO A 175 22.28 36.82 -0.46
CA PRO A 175 20.88 36.46 -0.24
C PRO A 175 20.54 36.43 1.25
N PRO A 176 19.30 36.74 1.62
CA PRO A 176 18.93 36.73 3.03
C PRO A 176 18.74 35.32 3.55
N ARG A 177 18.93 35.14 4.85
CA ARG A 177 18.89 33.81 5.45
C ARG A 177 18.56 33.91 6.92
N MET A 178 17.76 32.96 7.41
CA MET A 178 17.41 32.88 8.82
C MET A 178 16.95 31.47 9.13
N SER A 179 16.89 31.14 10.42
CA SER A 179 16.52 29.81 10.88
C SER A 179 15.22 29.84 11.66
N ILE A 180 14.47 28.75 11.55
CA ILE A 180 13.17 28.62 12.18
C ILE A 180 13.18 27.35 13.02
N PRO A 181 12.75 27.37 14.27
CA PRO A 181 12.73 26.17 15.10
C PRO A 181 11.59 25.23 14.69
N PHE A 182 11.49 24.13 15.43
CA PHE A 182 10.46 23.13 15.17
C PHE A 182 9.12 23.67 15.65
N ILE A 183 8.37 24.30 14.76
CA ILE A 183 7.04 24.80 15.09
C ILE A 183 6.04 23.69 14.77
N SER A 184 5.32 23.23 15.78
CA SER A 184 4.26 22.24 15.57
C SER A 184 3.33 22.21 16.76
N ILE A 185 2.09 21.83 16.49
CA ILE A 185 1.13 21.57 17.55
C ILE A 185 1.41 20.22 18.20
N GLY A 186 1.70 19.21 17.40
CA GLY A 186 1.96 17.88 17.92
C GLY A 186 3.39 17.64 18.30
N ASN A 187 3.88 16.42 18.09
CA ASN A 187 5.25 16.07 18.43
C ASN A 187 6.12 15.74 17.24
N ALA A 188 5.56 15.67 16.02
CA ALA A 188 6.32 15.34 14.84
C ALA A 188 5.55 15.84 13.62
N TYR A 189 6.28 16.22 12.59
CA TYR A 189 5.68 16.65 11.34
C TYR A 189 5.12 15.46 10.60
N SER A 190 3.85 15.16 10.75
CA SER A 190 3.26 14.03 10.05
C SER A 190 3.15 14.28 8.55
N CYS A 191 3.91 13.53 7.76
CA CYS A 191 3.76 13.60 6.31
C CYS A 191 2.63 12.82 5.57
N PHE A 192 1.86 12.09 6.39
CA PHE A 192 0.62 11.45 5.98
C PHE A 192 -0.47 11.48 7.03
N TYR A 193 -1.72 11.36 6.59
CA TYR A 193 -2.85 11.42 7.53
C TYR A 193 -3.99 10.61 6.93
N ASP A 194 -4.39 9.54 7.62
CA ASP A 194 -5.53 8.73 7.21
C ASP A 194 -6.73 9.13 8.07
N GLY A 195 -7.32 10.27 7.74
CA GLY A 195 -8.42 10.73 8.53
C GLY A 195 -9.06 11.97 7.94
N TRP A 196 -10.23 12.30 8.47
CA TRP A 196 -11.03 13.44 8.07
C TRP A 196 -10.82 14.57 9.07
N THR A 197 -11.43 15.72 8.78
CA THR A 197 -11.32 16.85 9.67
C THR A 197 -12.52 17.06 10.57
N GLN A 198 -13.69 16.56 10.19
CA GLN A 198 -14.90 16.67 10.98
C GLN A 198 -15.20 15.33 11.64
N PHE A 199 -15.94 15.38 12.73
CA PHE A 199 -16.28 14.17 13.47
C PHE A 199 -17.37 13.35 12.78
N SER A 200 -18.02 13.90 11.77
CA SER A 200 -19.04 13.18 11.03
C SER A 200 -18.50 12.47 9.81
N ARG A 201 -17.18 12.53 9.59
CA ARG A 201 -16.47 11.87 8.49
C ARG A 201 -17.01 12.30 7.12
N ASN A 202 -17.17 13.62 6.96
CA ASN A 202 -17.53 14.23 5.70
C ASN A 202 -16.55 15.35 5.39
N GLY A 203 -16.44 15.70 4.13
CA GLY A 203 -15.65 16.85 3.73
C GLY A 203 -14.22 16.46 3.42
N VAL A 204 -13.26 17.18 4.00
CA VAL A 204 -11.86 17.07 3.63
C VAL A 204 -11.30 15.77 4.19
N TYR A 205 -10.41 15.13 3.42
CA TYR A 205 -9.77 13.89 3.83
C TYR A 205 -8.32 13.93 3.39
N GLY A 206 -7.40 13.81 4.34
CA GLY A 206 -6.02 13.68 3.99
C GLY A 206 -5.15 14.61 4.79
N ILE A 207 -4.01 14.99 4.20
CA ILE A 207 -3.00 15.78 4.90
C ILE A 207 -3.36 17.25 4.95
N ASN A 208 -4.40 17.67 4.22
CA ASN A 208 -4.81 19.07 4.25
C ASN A 208 -5.40 19.50 5.58
N THR A 209 -5.82 18.56 6.42
CA THR A 209 -6.39 18.92 7.71
C THR A 209 -5.29 19.34 8.68
N LEU A 210 -4.09 18.78 8.54
CA LEU A 210 -3.00 19.10 9.43
C LEU A 210 -2.22 20.33 9.01
N ASN A 211 -2.30 20.73 7.74
CA ASN A 211 -1.49 21.83 7.24
C ASN A 211 -2.12 23.15 7.63
N ASN A 212 -1.53 23.81 8.63
CA ASN A 212 -1.89 25.18 8.99
C ASN A 212 -0.59 25.83 9.49
N MET A 213 0.13 26.47 8.56
CA MET A 213 1.46 26.99 8.86
C MET A 213 1.61 28.47 8.64
N GLY A 214 0.78 29.09 7.80
CA GLY A 214 0.86 30.52 7.62
C GLY A 214 1.11 30.94 6.19
N THR A 215 1.23 32.24 5.96
CA THR A 215 1.28 32.79 4.61
C THR A 215 2.47 33.72 4.52
N LEU A 216 3.07 33.80 3.34
CA LEU A 216 4.29 34.57 3.11
C LEU A 216 3.99 35.66 2.08
N TYR A 217 4.10 36.93 2.46
CA TYR A 217 3.79 38.04 1.58
C TYR A 217 5.06 38.77 1.17
N MET A 218 5.09 39.25 -0.08
CA MET A 218 6.25 39.92 -0.65
C MET A 218 5.80 41.15 -1.41
N ARG A 219 6.63 42.20 -1.40
CA ARG A 219 6.29 43.43 -2.13
C ARG A 219 7.56 44.22 -2.40
N HIS A 220 7.46 45.12 -3.38
CA HIS A 220 8.46 46.16 -3.56
C HIS A 220 8.25 47.25 -2.52
N VAL A 221 9.33 47.93 -2.15
CA VAL A 221 9.26 49.06 -1.24
C VAL A 221 9.31 50.39 -1.98
N ASN A 222 10.15 50.47 -3.01
CA ASN A 222 10.26 51.69 -3.79
C ASN A 222 9.03 51.89 -4.67
N GLU A 223 8.64 53.15 -4.84
CA GLU A 223 7.53 53.48 -5.72
C GLU A 223 7.95 53.36 -7.18
N ALA A 224 6.97 53.28 -8.06
CA ALA A 224 7.21 53.12 -9.49
C ALA A 224 7.64 54.47 -10.05
N GLY A 225 8.91 54.58 -10.43
CA GLY A 225 9.41 55.83 -10.95
C GLY A 225 8.96 56.18 -12.36
N GLN A 226 9.48 55.48 -13.36
CA GLN A 226 9.18 55.79 -14.76
C GLN A 226 9.01 54.55 -15.63
N GLY A 227 9.12 53.35 -15.08
CA GLY A 227 9.04 52.14 -15.87
C GLY A 227 8.77 50.94 -14.99
N PRO A 228 7.96 50.01 -15.48
CA PRO A 228 7.62 48.84 -14.68
C PRO A 228 8.80 47.89 -14.51
N ILE A 229 8.84 47.23 -13.35
CA ILE A 229 9.87 46.26 -13.01
C ILE A 229 9.17 45.03 -12.46
N LYS A 230 9.46 43.87 -13.03
CA LYS A 230 8.85 42.62 -12.61
C LYS A 230 9.87 41.74 -11.90
N SER A 231 9.64 41.47 -10.63
CA SER A 231 10.58 40.74 -9.79
C SER A 231 10.07 39.34 -9.55
N THR A 232 10.98 38.46 -9.09
CA THR A 232 10.70 37.06 -8.87
C THR A 232 11.51 36.57 -7.68
N VAL A 233 10.91 35.80 -6.80
CA VAL A 233 11.55 35.35 -5.57
C VAL A 233 11.45 33.84 -5.41
N ARG A 234 12.59 33.17 -5.30
CA ARG A 234 12.66 31.73 -5.11
C ARG A 234 12.90 31.41 -3.65
N ILE A 235 12.35 30.30 -3.19
CA ILE A 235 12.33 29.94 -1.77
C ILE A 235 12.98 28.58 -1.59
N TYR A 236 14.00 28.52 -0.74
CA TYR A 236 14.80 27.32 -0.56
C TYR A 236 14.69 26.83 0.88
N PHE A 237 14.36 25.55 1.04
CA PHE A 237 14.21 24.92 2.35
C PHE A 237 15.41 24.03 2.64
N LYS A 238 15.81 23.98 3.91
CA LYS A 238 16.96 23.19 4.31
C LYS A 238 16.77 22.63 5.71
N PRO A 239 16.53 21.34 5.87
CA PRO A 239 16.31 20.77 7.20
C PRO A 239 17.60 20.61 7.98
N LYS A 240 17.53 20.95 9.27
CA LYS A 240 18.62 20.74 10.20
C LYS A 240 18.10 19.99 11.41
N HIS A 241 18.99 19.22 12.05
CA HIS A 241 18.70 18.42 13.25
C HIS A 241 17.54 17.47 13.02
N VAL A 242 17.74 16.53 12.10
CA VAL A 242 16.65 15.71 11.57
C VAL A 242 16.53 14.43 12.37
N LYS A 243 15.30 14.09 12.76
CA LYS A 243 14.93 12.77 13.24
C LYS A 243 13.78 12.24 12.40
N ALA A 244 13.77 10.94 12.17
CA ALA A 244 12.80 10.36 11.27
C ALA A 244 12.37 8.99 11.77
N TRP A 245 11.07 8.73 11.69
CA TRP A 245 10.49 7.50 12.21
C TRP A 245 9.67 6.82 11.13
N VAL A 246 9.50 5.51 11.25
CA VAL A 246 8.61 4.68 10.44
C VAL A 246 8.88 4.82 8.94
N PRO A 247 9.91 4.17 8.41
CA PRO A 247 10.20 4.27 6.99
C PRO A 247 9.10 3.66 6.13
N ARG A 248 9.15 3.98 4.84
CA ARG A 248 8.01 3.92 3.96
C ARG A 248 8.50 3.76 2.53
N PRO A 249 7.86 2.95 1.69
CA PRO A 249 8.43 2.66 0.38
C PRO A 249 8.28 3.85 -0.56
N PRO A 250 9.16 4.00 -1.54
CA PRO A 250 9.19 5.22 -2.35
C PRO A 250 8.05 5.28 -3.34
N ARG A 251 7.71 6.51 -3.70
CA ARG A 251 6.59 6.76 -4.60
C ARG A 251 6.94 6.34 -6.02
N LEU A 252 6.03 5.60 -6.65
CA LEU A 252 6.26 5.05 -7.98
C LEU A 252 5.56 5.85 -9.07
N CYS A 253 4.26 6.09 -8.94
CA CYS A 253 3.53 6.85 -9.94
C CYS A 253 3.80 8.34 -9.80
N GLN A 254 3.45 9.09 -10.83
CA GLN A 254 3.68 10.53 -10.79
C GLN A 254 2.60 11.23 -9.97
N TYR A 255 2.96 12.38 -9.41
CA TYR A 255 2.03 13.15 -8.62
C TYR A 255 1.08 13.91 -9.54
N GLU A 256 -0.14 14.15 -9.05
CA GLU A 256 -1.12 14.89 -9.80
C GLU A 256 -1.57 16.16 -9.08
N LYS A 257 -1.92 16.05 -7.81
CA LYS A 257 -2.48 17.16 -7.05
C LYS A 257 -1.57 17.49 -5.88
N GLN A 258 -1.95 18.53 -5.13
CA GLN A 258 -1.17 19.01 -4.01
C GLN A 258 -1.73 18.57 -2.67
N LYS A 259 -3.06 18.56 -2.53
CA LYS A 259 -3.69 18.30 -1.26
C LYS A 259 -4.11 16.85 -1.06
N ASN A 260 -3.72 15.94 -1.96
CA ASN A 260 -4.05 14.53 -1.79
C ASN A 260 -2.99 13.70 -2.51
N VAL A 261 -3.18 12.38 -2.50
CA VAL A 261 -2.22 11.44 -3.04
C VAL A 261 -2.80 10.70 -4.24
N ASN A 262 -3.70 11.36 -4.96
CA ASN A 262 -4.33 10.78 -6.14
C ASN A 262 -3.31 10.52 -7.24
N PHE A 263 -3.57 9.48 -8.01
CA PHE A 263 -2.61 9.00 -9.00
C PHE A 263 -3.35 8.27 -10.09
N SER A 264 -2.60 7.81 -11.06
CA SER A 264 -3.02 6.97 -12.16
C SER A 264 -2.09 5.79 -12.29
N PRO A 265 -2.60 4.57 -12.49
CA PRO A 265 -1.77 3.38 -12.35
C PRO A 265 -0.79 3.20 -13.50
N ILE A 266 0.36 2.61 -13.15
CA ILE A 266 1.42 2.34 -14.11
C ILE A 266 2.07 1.04 -13.69
N GLY A 267 2.83 0.44 -14.59
CA GLY A 267 3.49 -0.82 -14.31
C GLY A 267 4.59 -0.67 -13.28
N VAL A 268 5.00 -1.80 -12.73
CA VAL A 268 5.93 -1.79 -11.61
C VAL A 268 7.36 -1.52 -12.09
N THR A 269 7.71 -2.01 -13.27
CA THR A 269 8.96 -1.70 -13.94
C THR A 269 8.69 -1.52 -15.43
N THR A 270 9.72 -1.11 -16.16
CA THR A 270 9.68 -1.18 -17.60
C THR A 270 10.18 -2.56 -18.04
N SER A 271 9.79 -2.98 -19.24
CA SER A 271 9.82 -4.40 -19.52
C SER A 271 10.98 -4.78 -20.44
N ARG A 272 11.20 -6.09 -20.54
CA ARG A 272 12.13 -6.71 -21.47
C ARG A 272 11.37 -7.76 -22.27
N THR A 273 12.07 -8.46 -23.16
CA THR A 273 11.35 -9.29 -24.12
C THR A 273 11.12 -10.71 -23.62
N ASP A 274 12.01 -11.24 -22.79
CA ASP A 274 11.94 -12.63 -22.38
C ASP A 274 12.63 -12.74 -21.02
N ILE A 275 12.29 -13.79 -20.27
CA ILE A 275 12.80 -13.97 -18.91
C ILE A 275 14.29 -14.31 -18.87
N ILE A 276 14.89 -14.73 -19.98
CA ILE A 276 16.32 -15.04 -20.01
C ILE A 276 17.11 -13.97 -20.74
N THR A 277 16.47 -12.92 -21.22
CA THR A 277 17.15 -11.90 -22.01
C THR A 277 17.95 -10.98 -21.11
N THR A 278 19.26 -10.96 -21.31
CA THR A 278 20.16 -10.11 -20.55
C THR A 278 20.52 -8.87 -21.32
N SER B 10 9.20 -28.07 21.11
CA SER B 10 9.08 -27.79 19.69
C SER B 10 8.95 -26.30 19.43
N ASP B 11 9.02 -25.91 18.16
CA ASP B 11 8.97 -24.52 17.76
C ASP B 11 7.65 -24.15 17.08
N ARG B 12 7.01 -25.09 16.40
CA ARG B 12 5.85 -24.76 15.57
C ARG B 12 4.55 -24.64 16.35
N VAL B 13 4.56 -24.83 17.66
CA VAL B 13 3.34 -24.73 18.44
C VAL B 13 3.37 -23.46 19.29
N ARG B 14 2.19 -22.87 19.47
CA ARG B 14 2.05 -21.65 20.26
C ARG B 14 0.75 -21.70 21.05
N SER B 15 0.55 -20.69 21.88
CA SER B 15 -0.69 -20.48 22.60
C SER B 15 -0.73 -19.03 23.05
N ILE B 16 -1.81 -18.33 22.74
CA ILE B 16 -1.96 -16.92 23.11
C ILE B 16 -3.20 -16.78 23.97
N THR B 17 -3.03 -16.25 25.17
CA THR B 17 -4.10 -16.12 26.14
C THR B 17 -4.32 -14.66 26.48
N LEU B 18 -5.55 -14.19 26.31
CA LEU B 18 -5.89 -12.80 26.59
C LEU B 18 -7.34 -12.76 27.04
N GLY B 19 -7.60 -12.20 28.22
CA GLY B 19 -8.95 -12.08 28.70
C GLY B 19 -9.56 -13.41 29.07
N ASN B 20 -10.57 -13.83 28.32
CA ASN B 20 -11.17 -15.14 28.48
C ASN B 20 -11.11 -15.94 27.18
N SER B 21 -10.17 -15.61 26.31
CA SER B 21 -10.03 -16.26 25.02
C SER B 21 -8.65 -16.89 24.90
N THR B 22 -8.55 -17.90 24.05
CA THR B 22 -7.31 -18.65 23.86
C THR B 22 -7.18 -19.01 22.39
N ILE B 23 -5.99 -18.87 21.84
CA ILE B 23 -5.71 -19.17 20.45
C ILE B 23 -4.61 -20.22 20.41
N THR B 24 -4.89 -21.36 19.78
CA THR B 24 -3.93 -22.44 19.65
C THR B 24 -3.61 -22.64 18.18
N THR B 25 -2.33 -22.83 17.87
CA THR B 25 -1.90 -23.13 16.52
C THR B 25 -0.86 -24.25 16.56
N GLN B 26 -0.78 -25.00 15.47
CA GLN B 26 0.09 -26.16 15.44
C GLN B 26 1.15 -26.04 14.35
N GLU B 27 0.87 -25.27 13.31
CA GLU B 27 1.84 -24.93 12.29
C GLU B 27 1.92 -23.42 12.21
N CYS B 28 3.07 -22.86 12.54
CA CYS B 28 3.22 -21.41 12.57
C CYS B 28 4.69 -21.07 12.46
N ALA B 29 4.94 -19.83 12.05
CA ALA B 29 6.25 -19.20 12.13
C ALA B 29 6.36 -18.54 13.50
N ASN B 30 7.35 -17.67 13.64
CA ASN B 30 7.44 -16.95 14.90
C ASN B 30 6.41 -15.82 14.98
N VAL B 31 6.54 -15.02 16.02
CA VAL B 31 5.73 -13.83 16.20
C VAL B 31 6.56 -12.62 15.79
N VAL B 32 5.99 -11.76 14.95
CA VAL B 32 6.66 -10.53 14.58
C VAL B 32 6.19 -9.44 15.54
N VAL B 33 7.13 -8.83 16.25
CA VAL B 33 6.80 -7.86 17.29
C VAL B 33 7.15 -6.48 16.73
N GLY B 34 6.16 -5.84 16.11
CA GLY B 34 6.13 -4.43 15.74
C GLY B 34 7.36 -3.85 15.09
N TYR B 35 7.96 -2.86 15.75
CA TYR B 35 9.30 -2.41 15.43
C TYR B 35 10.28 -2.74 16.53
N GLY B 36 10.11 -3.89 17.18
CA GLY B 36 10.95 -4.30 18.28
C GLY B 36 10.41 -3.98 19.65
N VAL B 37 9.20 -3.43 19.74
CA VAL B 37 8.66 -2.93 20.99
C VAL B 37 7.29 -3.55 21.25
N TRP B 38 7.07 -3.98 22.50
CA TRP B 38 5.83 -4.50 23.02
C TRP B 38 4.92 -3.35 23.46
N PRO B 39 3.60 -3.52 23.37
CA PRO B 39 2.69 -2.43 23.79
C PRO B 39 2.70 -2.26 25.31
N GLU B 40 2.48 -1.01 25.75
CA GLU B 40 2.54 -0.65 27.15
C GLU B 40 1.72 0.63 27.36
N TYR B 41 1.29 0.86 28.60
CA TYR B 41 0.52 2.03 28.98
C TYR B 41 1.33 3.31 28.85
N LEU B 42 0.64 4.44 28.92
CA LEU B 42 1.29 5.73 28.75
C LEU B 42 1.97 6.17 30.03
N LYS B 43 3.19 6.66 29.90
CA LYS B 43 3.96 7.08 31.06
C LYS B 43 3.49 8.43 31.58
N ASP B 44 3.97 8.80 32.76
CA ASP B 44 3.67 10.10 33.35
C ASP B 44 4.55 11.20 32.82
N ASN B 45 5.55 10.88 32.00
CA ASN B 45 6.41 11.86 31.36
C ASN B 45 5.82 12.38 30.06
N GLU B 46 4.98 11.59 29.40
CA GLU B 46 4.51 11.88 28.06
C GLU B 46 3.04 12.22 27.96
N ALA B 47 2.31 12.18 29.07
CA ALA B 47 0.89 12.48 29.03
C ALA B 47 0.65 13.97 28.91
N THR B 48 -0.52 14.32 28.37
CA THR B 48 -0.93 15.72 28.28
C THR B 48 -2.33 15.95 28.87
N ALA B 49 -3.21 14.97 28.82
CA ALA B 49 -4.53 15.13 29.41
C ALA B 49 -4.45 14.90 30.91
N GLU B 50 -5.03 15.83 31.68
CA GLU B 50 -4.83 15.84 33.12
C GLU B 50 -6.03 15.42 33.94
N ASP B 51 -6.73 14.38 33.52
CA ASP B 51 -7.70 13.69 34.36
C ASP B 51 -7.52 12.20 34.12
N GLN B 52 -8.00 11.40 35.06
CA GLN B 52 -7.60 10.00 35.12
C GLN B 52 -8.22 9.14 34.03
N PRO B 53 -7.44 8.32 33.35
CA PRO B 53 -7.97 7.43 32.33
C PRO B 53 -8.69 6.25 32.96
N THR B 54 -9.43 5.52 32.13
CA THR B 54 -10.06 4.28 32.54
C THR B 54 -9.39 3.14 31.78
N GLN B 55 -9.20 2.01 32.46
CA GLN B 55 -8.53 0.85 31.89
C GLN B 55 -9.35 -0.38 32.25
N PRO B 56 -10.18 -0.89 31.35
CA PRO B 56 -11.01 -2.06 31.67
C PRO B 56 -10.22 -3.35 31.80
N ASP B 57 -9.33 -3.59 30.83
CA ASP B 57 -8.19 -4.50 30.88
C ASP B 57 -8.55 -5.99 30.82
N VAL B 58 -9.83 -6.34 30.96
CA VAL B 58 -10.27 -7.70 30.68
C VAL B 58 -11.49 -7.61 29.76
N ALA B 59 -12.23 -6.51 29.90
CA ALA B 59 -13.45 -6.32 29.15
C ALA B 59 -13.20 -5.96 27.70
N THR B 60 -12.08 -5.31 27.40
CA THR B 60 -11.76 -4.90 26.05
C THR B 60 -10.58 -5.63 25.45
N CYS B 61 -9.68 -6.18 26.27
CA CYS B 61 -8.47 -6.83 25.76
C CYS B 61 -8.71 -8.33 25.62
N ARG B 62 -9.47 -8.69 24.59
CA ARG B 62 -9.76 -10.07 24.28
C ARG B 62 -9.84 -10.22 22.77
N PHE B 63 -9.94 -11.46 22.29
CA PHE B 63 -9.87 -11.76 20.86
C PHE B 63 -11.25 -11.59 20.23
N TYR B 64 -11.35 -10.68 19.26
CA TYR B 64 -12.56 -10.48 18.49
C TYR B 64 -12.39 -10.99 17.07
N THR B 65 -13.32 -11.83 16.62
CA THR B 65 -13.24 -12.46 15.31
C THR B 65 -14.10 -11.71 14.31
N LEU B 66 -13.49 -11.27 13.22
CA LEU B 66 -14.20 -10.57 12.16
C LEU B 66 -14.87 -11.57 11.22
N GLU B 67 -15.39 -11.08 10.11
CA GLU B 67 -16.11 -11.90 9.15
C GLU B 67 -15.14 -12.60 8.20
N SER B 68 -15.45 -13.85 7.85
CA SER B 68 -14.62 -14.60 6.92
C SER B 68 -14.90 -14.19 5.48
N VAL B 69 -13.90 -14.41 4.62
CA VAL B 69 -14.02 -14.19 3.18
C VAL B 69 -13.53 -15.45 2.48
N GLN B 70 -13.88 -15.59 1.20
CA GLN B 70 -13.49 -16.76 0.45
C GLN B 70 -12.33 -16.44 -0.49
N TRP B 71 -11.31 -17.27 -0.45
CA TRP B 71 -10.17 -17.18 -1.36
C TRP B 71 -10.55 -17.90 -2.64
N MET B 72 -10.99 -17.15 -3.64
CA MET B 72 -11.26 -17.74 -4.94
C MET B 72 -9.99 -17.77 -5.76
N LYS B 73 -10.06 -18.33 -6.96
CA LYS B 73 -8.87 -18.46 -7.79
C LYS B 73 -8.45 -17.12 -8.38
N ASN B 74 -9.41 -16.38 -8.95
CA ASN B 74 -9.09 -15.08 -9.56
C ASN B 74 -9.34 -13.93 -8.58
N SER B 75 -8.77 -14.02 -7.38
CA SER B 75 -8.97 -12.98 -6.39
C SER B 75 -7.78 -12.03 -6.38
N ALA B 76 -7.94 -10.90 -5.71
CA ALA B 76 -6.93 -9.85 -5.76
C ALA B 76 -6.41 -9.40 -4.41
N GLY B 77 -7.25 -9.33 -3.40
CA GLY B 77 -6.80 -8.89 -2.09
C GLY B 77 -7.93 -8.30 -1.29
N TRP B 78 -7.63 -7.97 -0.04
CA TRP B 78 -8.58 -7.42 0.92
C TRP B 78 -7.87 -6.40 1.80
N TRP B 79 -8.63 -5.49 2.42
CA TRP B 79 -8.03 -4.66 3.46
C TRP B 79 -9.05 -4.31 4.54
N TRP B 80 -8.55 -4.01 5.74
CA TRP B 80 -9.35 -3.56 6.87
C TRP B 80 -8.68 -2.33 7.48
N LYS B 81 -9.48 -1.39 8.00
CA LYS B 81 -8.95 -0.24 8.73
C LYS B 81 -9.12 -0.52 10.22
N LEU B 82 -8.04 -0.40 10.97
CA LEU B 82 -7.98 -1.16 12.20
C LEU B 82 -8.71 -0.61 13.42
N PRO B 83 -8.68 0.70 13.78
CA PRO B 83 -9.58 1.13 14.85
C PRO B 83 -10.95 1.54 14.34
N ASP B 84 -11.45 0.77 13.38
CA ASP B 84 -12.79 0.94 12.85
C ASP B 84 -13.48 -0.41 12.66
N ALA B 85 -12.74 -1.49 12.51
CA ALA B 85 -13.33 -2.81 12.43
C ALA B 85 -13.92 -3.26 13.75
N LEU B 86 -13.34 -2.84 14.87
CA LEU B 86 -13.85 -3.16 16.19
C LEU B 86 -14.71 -2.05 16.77
N SER B 87 -15.45 -1.34 15.94
CA SER B 87 -16.27 -0.24 16.41
C SER B 87 -17.65 -0.69 16.89
N GLN B 88 -18.09 -1.89 16.52
CA GLN B 88 -19.34 -2.43 17.06
C GLN B 88 -19.11 -3.80 17.68
N MET B 89 -17.94 -4.03 18.28
CA MET B 89 -17.57 -5.32 18.86
C MET B 89 -17.50 -5.18 20.37
N GLY B 90 -18.62 -5.43 21.04
CA GLY B 90 -18.61 -5.61 22.48
C GLY B 90 -18.35 -4.33 23.26
N LEU B 91 -17.54 -4.45 24.31
CA LEU B 91 -17.22 -3.29 25.14
C LEU B 91 -16.03 -2.50 24.62
N PHE B 92 -15.40 -2.94 23.53
CA PHE B 92 -14.48 -2.05 22.85
C PHE B 92 -15.24 -1.01 22.04
N GLY B 93 -16.41 -1.37 21.52
CA GLY B 93 -17.15 -0.45 20.69
C GLY B 93 -17.94 0.56 21.49
N GLN B 94 -18.24 0.23 22.74
CA GLN B 94 -18.96 1.17 23.58
C GLN B 94 -18.04 2.19 24.23
N ASN B 95 -16.81 1.79 24.57
CA ASN B 95 -15.86 2.76 25.11
C ASN B 95 -15.36 3.73 24.05
N MET B 96 -15.40 3.34 22.78
CA MET B 96 -15.04 4.25 21.71
C MET B 96 -16.07 5.35 21.52
N GLN B 97 -17.31 5.14 21.94
CA GLN B 97 -18.36 6.12 21.75
C GLN B 97 -18.44 7.13 22.89
N TYR B 98 -18.41 6.66 24.13
CA TYR B 98 -18.56 7.54 25.29
C TYR B 98 -17.31 8.33 25.62
N HIS B 99 -16.18 7.98 25.00
CA HIS B 99 -14.91 8.64 25.32
C HIS B 99 -14.43 9.41 24.11
N TYR B 100 -13.60 10.41 24.37
CA TYR B 100 -13.11 11.32 23.34
C TYR B 100 -11.73 10.92 22.82
N LEU B 101 -10.89 10.34 23.66
CA LEU B 101 -9.54 9.96 23.30
C LEU B 101 -9.38 8.44 23.42
N GLY B 102 -8.15 7.97 23.29
CA GLY B 102 -7.86 6.56 23.45
C GLY B 102 -6.67 6.07 22.67
N ARG B 103 -5.82 5.26 23.30
CA ARG B 103 -4.68 4.66 22.62
C ARG B 103 -4.68 3.16 22.88
N THR B 104 -4.23 2.40 21.89
CA THR B 104 -4.41 0.96 21.86
C THR B 104 -3.29 0.34 21.03
N GLY B 105 -2.80 -0.81 21.46
CA GLY B 105 -2.01 -1.67 20.61
C GLY B 105 -2.80 -2.93 20.32
N TYR B 106 -2.40 -3.64 19.26
CA TYR B 106 -3.17 -4.77 18.76
C TYR B 106 -2.35 -6.04 18.69
N THR B 107 -3.04 -7.17 18.59
CA THR B 107 -2.46 -8.47 18.26
C THR B 107 -3.32 -9.09 17.18
N ILE B 108 -2.78 -9.24 15.99
CA ILE B 108 -3.54 -9.70 14.83
C ILE B 108 -3.12 -11.12 14.50
N HIS B 109 -4.09 -11.98 14.23
CA HIS B 109 -3.80 -13.40 13.99
C HIS B 109 -4.63 -13.85 12.80
N VAL B 110 -4.03 -13.84 11.62
CA VAL B 110 -4.70 -14.26 10.40
C VAL B 110 -4.47 -15.74 10.20
N GLN B 111 -5.53 -16.49 9.89
CA GLN B 111 -5.48 -17.93 9.86
C GLN B 111 -6.18 -18.49 8.62
N CYS B 112 -5.48 -19.39 7.93
CA CYS B 112 -5.97 -19.95 6.67
C CYS B 112 -5.32 -21.30 6.48
N ASN B 113 -6.10 -22.37 6.53
CA ASN B 113 -5.58 -23.72 6.44
C ASN B 113 -6.02 -24.38 5.14
N ALA B 114 -5.16 -25.25 4.63
CA ALA B 114 -5.47 -26.07 3.47
C ALA B 114 -4.63 -27.33 3.57
N SER B 115 -4.85 -28.25 2.64
CA SER B 115 -4.25 -29.57 2.73
C SER B 115 -2.81 -29.55 2.22
N LYS B 116 -2.22 -30.73 2.08
CA LYS B 116 -0.91 -30.85 1.46
C LYS B 116 -0.99 -30.98 -0.05
N PHE B 117 -2.16 -30.78 -0.64
CA PHE B 117 -2.34 -30.88 -2.08
C PHE B 117 -2.72 -29.56 -2.72
N HIS B 118 -2.82 -28.49 -1.93
CA HIS B 118 -3.13 -27.15 -2.41
C HIS B 118 -1.87 -26.30 -2.48
N GLN B 119 -1.92 -25.25 -3.29
CA GLN B 119 -0.83 -24.30 -3.44
C GLN B 119 -1.33 -22.91 -3.14
N GLY B 120 -0.42 -22.00 -2.81
CA GLY B 120 -0.80 -20.62 -2.59
C GLY B 120 0.22 -19.90 -1.76
N CYS B 121 0.05 -18.59 -1.68
CA CYS B 121 0.90 -17.72 -0.88
C CYS B 121 0.16 -16.42 -0.62
N LEU B 122 0.38 -15.86 0.58
CA LEU B 122 -0.27 -14.63 0.98
C LEU B 122 0.75 -13.72 1.62
N LEU B 123 0.51 -12.42 1.55
CA LEU B 123 1.33 -11.43 2.24
C LEU B 123 0.44 -10.70 3.23
N VAL B 124 0.81 -10.73 4.50
CA VAL B 124 0.03 -10.12 5.56
C VAL B 124 0.85 -8.97 6.13
N VAL B 125 0.64 -7.76 5.63
CA VAL B 125 1.30 -6.58 6.16
C VAL B 125 0.36 -5.85 7.10
N CYS B 126 0.91 -4.93 7.88
CA CYS B 126 0.12 -4.05 8.75
C CYS B 126 0.74 -2.67 8.62
N VAL B 127 0.15 -1.83 7.78
CA VAL B 127 0.76 -0.54 7.43
C VAL B 127 0.20 0.57 8.31
N PRO B 128 1.03 1.48 8.78
CA PRO B 128 0.52 2.68 9.47
C PRO B 128 0.37 3.86 8.53
N GLU B 129 -0.73 4.59 8.74
CA GLU B 129 -1.10 5.78 7.97
C GLU B 129 -1.19 5.48 6.47
N ALA B 130 -2.15 4.64 6.10
CA ALA B 130 -2.33 4.26 4.70
C ALA B 130 -3.37 5.16 4.07
N GLU B 131 -2.94 6.36 3.69
CA GLU B 131 -3.82 7.28 3.00
C GLU B 131 -4.01 6.82 1.56
N MET B 132 -5.26 6.58 1.17
CA MET B 132 -5.57 5.98 -0.12
C MET B 132 -6.03 7.03 -1.12
N GLY B 133 -5.92 6.68 -2.40
CA GLY B 133 -6.17 7.62 -3.47
C GLY B 133 -7.49 7.33 -4.17
N CYS B 134 -8.08 8.39 -4.71
CA CYS B 134 -9.36 8.29 -5.40
C CYS B 134 -9.18 7.77 -6.81
N SER B 135 -10.30 7.48 -7.46
CA SER B 135 -10.29 7.05 -8.86
C SER B 135 -10.36 8.25 -9.80
N ASN B 136 -11.20 9.22 -9.48
CA ASN B 136 -11.21 10.50 -10.18
C ASN B 136 -10.15 11.39 -9.55
N LEU B 137 -9.43 12.14 -10.37
CA LEU B 137 -8.24 12.83 -9.87
C LEU B 137 -8.56 14.10 -9.11
N ASN B 138 -9.79 14.60 -9.15
CA ASN B 138 -10.13 15.84 -8.47
C ASN B 138 -10.66 15.64 -7.06
N ASN B 139 -11.36 14.54 -6.80
CA ASN B 139 -12.07 14.35 -5.55
C ASN B 139 -11.26 13.46 -4.62
N THR B 140 -11.84 13.18 -3.45
CA THR B 140 -11.35 12.23 -2.45
C THR B 140 -12.43 11.19 -2.22
N PRO B 141 -12.08 9.95 -1.84
CA PRO B 141 -13.09 8.91 -1.73
C PRO B 141 -14.04 9.11 -0.57
N GLU B 142 -15.24 8.53 -0.71
CA GLU B 142 -16.27 8.60 0.30
C GLU B 142 -15.90 7.68 1.46
N PHE B 143 -16.53 7.94 2.62
CA PHE B 143 -16.20 7.17 3.82
C PHE B 143 -16.63 5.72 3.71
N SER B 144 -17.78 5.46 3.10
CA SER B 144 -18.31 4.10 3.05
C SER B 144 -17.54 3.18 2.11
N GLU B 145 -16.62 3.72 1.31
CA GLU B 145 -15.78 2.92 0.45
C GLU B 145 -14.33 2.90 0.87
N LEU B 146 -13.96 3.62 1.94
CA LEU B 146 -12.63 3.49 2.49
C LEU B 146 -12.56 2.41 3.55
N SER B 147 -13.65 2.19 4.29
CA SER B 147 -13.67 1.17 5.31
C SER B 147 -15.09 0.66 5.46
N GLY B 148 -15.26 -0.30 6.35
CA GLY B 148 -16.55 -0.85 6.70
C GLY B 148 -16.40 -1.63 7.98
N GLY B 149 -17.44 -1.63 8.81
CA GLY B 149 -17.42 -2.42 10.03
C GLY B 149 -17.38 -3.89 9.71
N ASP B 150 -16.33 -4.56 10.21
CA ASP B 150 -15.95 -5.97 10.08
C ASP B 150 -16.21 -6.59 8.70
N SER B 151 -16.03 -5.79 7.65
CA SER B 151 -16.26 -6.22 6.27
C SER B 151 -15.02 -5.86 5.48
N ALA B 152 -14.63 -6.73 4.57
CA ALA B 152 -13.39 -6.53 3.84
C ALA B 152 -13.66 -5.74 2.57
N ARG B 153 -12.92 -4.65 2.39
CA ARG B 153 -12.93 -3.99 1.10
C ARG B 153 -11.83 -4.58 0.23
N MET B 154 -12.15 -4.85 -1.03
CA MET B 154 -11.34 -5.75 -1.84
C MET B 154 -10.72 -5.03 -3.03
N PHE B 155 -9.49 -5.41 -3.35
CA PHE B 155 -8.79 -4.90 -4.51
C PHE B 155 -9.33 -5.54 -5.78
N THR B 156 -8.80 -5.11 -6.92
CA THR B 156 -9.19 -5.65 -8.21
C THR B 156 -7.95 -5.85 -9.07
N ASP B 157 -8.03 -6.81 -9.99
CA ASP B 157 -6.93 -7.05 -10.90
C ASP B 157 -6.98 -6.15 -12.12
N THR B 158 -8.00 -5.30 -12.22
CA THR B 158 -8.09 -4.31 -13.28
C THR B 158 -8.29 -2.92 -12.67
N GLN B 159 -8.16 -1.90 -13.51
CA GLN B 159 -8.14 -0.52 -13.07
C GLN B 159 -9.55 0.06 -13.05
N VAL B 160 -9.88 0.77 -11.97
CA VAL B 160 -11.18 1.41 -11.82
C VAL B 160 -11.32 2.53 -12.84
N GLY B 161 -12.45 2.54 -13.55
CA GLY B 161 -12.70 3.57 -14.53
C GLY B 161 -12.85 4.94 -13.90
N GLU B 162 -12.24 5.93 -14.55
CA GLU B 162 -12.08 7.25 -13.94
C GLU B 162 -13.35 8.09 -14.04
N SER B 163 -14.32 7.65 -14.83
CA SER B 163 -15.55 8.42 -14.96
C SER B 163 -16.51 8.22 -13.80
N ASN B 164 -16.21 7.31 -12.88
CA ASN B 164 -17.00 7.15 -11.66
C ASN B 164 -16.84 8.38 -10.78
N ALA B 165 -17.83 8.58 -9.90
CA ALA B 165 -17.86 9.81 -9.12
C ALA B 165 -16.87 9.78 -7.97
N LYS B 166 -17.06 8.88 -7.01
CA LYS B 166 -16.20 8.76 -5.83
C LYS B 166 -15.96 7.27 -5.62
N LYS B 167 -14.72 6.83 -5.89
CA LYS B 167 -14.33 5.44 -5.72
C LYS B 167 -12.88 5.41 -5.30
N VAL B 168 -12.46 4.32 -4.67
CA VAL B 168 -11.05 4.12 -4.36
C VAL B 168 -10.41 3.37 -5.53
N GLN B 169 -9.24 3.84 -5.97
CA GLN B 169 -8.49 3.16 -7.01
C GLN B 169 -7.97 1.84 -6.47
N THR B 170 -8.47 0.73 -6.99
CA THR B 170 -8.16 -0.59 -6.48
C THR B 170 -7.38 -1.42 -7.50
N ALA B 171 -6.41 -0.80 -8.16
CA ALA B 171 -5.43 -1.57 -8.91
C ALA B 171 -4.43 -2.18 -7.93
N VAL B 172 -4.32 -3.51 -7.96
CA VAL B 172 -3.67 -4.22 -6.87
C VAL B 172 -2.16 -4.03 -6.90
N TRP B 173 -1.57 -3.86 -8.08
CA TRP B 173 -0.12 -3.73 -8.18
C TRP B 173 0.40 -2.38 -7.71
N ASN B 174 -0.48 -1.42 -7.42
CA ASN B 174 -0.09 -0.17 -6.81
C ASN B 174 -0.58 -0.03 -5.38
N ALA B 175 -1.34 -1.00 -4.87
CA ALA B 175 -1.82 -1.11 -3.49
C ALA B 175 -2.67 0.08 -3.05
N GLY B 176 -3.24 0.83 -3.98
CA GLY B 176 -4.10 1.94 -3.64
C GLY B 176 -3.41 3.18 -3.13
N MET B 177 -2.10 3.15 -2.90
CA MET B 177 -1.35 4.28 -2.39
C MET B 177 -0.30 4.79 -3.36
N GLY B 178 -0.26 4.26 -4.58
CA GLY B 178 0.71 4.72 -5.56
C GLY B 178 2.13 4.27 -5.33
N VAL B 179 2.32 3.01 -4.99
CA VAL B 179 3.63 2.51 -4.59
C VAL B 179 3.82 1.13 -5.22
N GLY B 180 5.06 0.72 -5.39
CA GLY B 180 5.33 -0.64 -5.86
C GLY B 180 4.94 -1.64 -4.79
N VAL B 181 4.14 -2.64 -5.17
CA VAL B 181 3.54 -3.50 -4.15
C VAL B 181 4.54 -4.53 -3.63
N GLY B 182 5.63 -4.77 -4.36
CA GLY B 182 6.67 -5.61 -3.81
C GLY B 182 7.50 -4.96 -2.76
N ASN B 183 7.47 -3.63 -2.67
CA ASN B 183 8.19 -2.88 -1.66
C ASN B 183 7.44 -2.78 -0.35
N LEU B 184 6.29 -3.45 -0.23
CA LEU B 184 5.48 -3.38 0.98
C LEU B 184 6.04 -4.18 2.13
N THR B 185 7.16 -4.87 1.96
CA THR B 185 7.75 -5.67 3.01
C THR B 185 8.65 -4.87 3.92
N ILE B 186 8.66 -3.54 3.81
CA ILE B 186 9.38 -2.72 4.77
C ILE B 186 8.58 -2.55 6.05
N PHE B 187 7.27 -2.73 6.00
CA PHE B 187 6.42 -2.73 7.18
C PHE B 187 6.50 -4.09 7.86
N PRO B 188 6.09 -4.19 9.12
CA PRO B 188 6.07 -5.51 9.77
C PRO B 188 5.06 -6.44 9.11
N HIS B 189 5.51 -7.67 8.82
CA HIS B 189 4.74 -8.55 7.96
C HIS B 189 5.15 -9.99 8.19
N GLN B 190 4.30 -10.90 7.72
CA GLN B 190 4.59 -12.32 7.63
C GLN B 190 3.96 -12.85 6.37
N TRP B 191 4.35 -14.07 5.99
CA TRP B 191 3.80 -14.75 4.83
C TRP B 191 3.04 -15.99 5.28
N ILE B 192 1.88 -16.23 4.68
CA ILE B 192 1.21 -17.52 4.82
C ILE B 192 1.50 -18.29 3.53
N ASN B 193 2.28 -19.34 3.65
CA ASN B 193 2.61 -20.22 2.55
C ASN B 193 1.97 -21.57 2.84
N LEU B 194 1.05 -22.00 1.99
CA LEU B 194 0.26 -23.21 2.26
C LEU B 194 1.09 -24.48 2.22
N ARG B 195 2.30 -24.43 1.66
CA ARG B 195 3.23 -25.54 1.73
C ARG B 195 3.70 -25.77 3.16
N THR B 196 3.99 -24.70 3.89
CA THR B 196 4.66 -24.80 5.18
C THR B 196 3.95 -24.12 6.34
N ASN B 197 2.98 -23.25 6.10
CA ASN B 197 2.43 -22.40 7.13
C ASN B 197 0.93 -22.56 7.24
N ASN B 198 0.37 -22.08 8.34
CA ASN B 198 -1.04 -22.23 8.60
C ASN B 198 -1.65 -20.92 9.10
N SER B 199 -0.82 -20.05 9.66
CA SER B 199 -1.30 -18.80 10.26
C SER B 199 -0.17 -17.80 10.35
N ALA B 200 -0.52 -16.55 10.65
CA ALA B 200 0.44 -15.47 10.80
C ALA B 200 0.03 -14.58 11.97
N THR B 201 0.99 -14.21 12.81
CA THR B 201 0.74 -13.44 14.01
C THR B 201 1.58 -12.17 14.00
N LEU B 202 0.94 -11.05 14.34
CA LEU B 202 1.64 -9.77 14.46
C LEU B 202 1.25 -9.12 15.77
N VAL B 203 2.21 -8.46 16.41
CA VAL B 203 1.96 -7.67 17.61
C VAL B 203 2.36 -6.24 17.28
N MET B 204 1.40 -5.34 17.29
CA MET B 204 1.70 -3.98 16.88
C MET B 204 1.56 -3.02 18.05
N PRO B 205 2.53 -2.14 18.27
CA PRO B 205 2.38 -1.11 19.29
C PRO B 205 1.58 0.07 18.80
N TYR B 206 1.48 1.12 19.60
CA TYR B 206 0.75 2.32 19.22
C TYR B 206 1.70 3.27 18.52
N ILE B 207 1.48 3.50 17.23
CA ILE B 207 2.34 4.36 16.42
C ILE B 207 1.54 5.58 15.98
N ASN B 208 1.89 6.75 16.51
CA ASN B 208 1.23 7.99 16.16
C ASN B 208 2.14 9.14 16.58
N SER B 209 1.88 10.32 16.03
CA SER B 209 2.65 11.52 16.31
C SER B 209 2.14 12.31 17.50
N VAL B 210 1.04 11.89 18.12
CA VAL B 210 0.50 12.52 19.32
C VAL B 210 0.27 11.40 20.34
N PRO B 211 0.30 11.66 21.65
CA PRO B 211 0.22 10.55 22.60
C PRO B 211 -1.15 9.90 22.69
N MET B 212 -2.22 10.61 22.35
CA MET B 212 -3.56 10.03 22.32
C MET B 212 -4.28 10.61 21.11
N ASP B 213 -5.27 9.91 20.60
CA ASP B 213 -5.97 10.40 19.42
C ASP B 213 -7.44 10.00 19.47
N ASN B 214 -8.25 10.71 18.69
CA ASN B 214 -9.65 10.36 18.56
C ASN B 214 -9.77 9.11 17.71
N MET B 215 -10.73 8.27 18.03
CA MET B 215 -10.77 6.95 17.43
C MET B 215 -11.82 6.80 16.33
N PHE B 216 -12.61 7.82 16.08
CA PHE B 216 -13.60 7.74 15.01
C PHE B 216 -13.18 8.50 13.76
N ARG B 217 -12.42 9.57 13.92
CA ARG B 217 -12.03 10.40 12.78
C ARG B 217 -10.69 9.97 12.17
N HIS B 218 -9.94 9.08 12.81
CA HIS B 218 -8.57 8.79 12.39
C HIS B 218 -8.32 7.29 12.53
N ASN B 219 -8.11 6.61 11.40
CA ASN B 219 -7.77 5.19 11.38
C ASN B 219 -6.27 5.06 11.16
N ASN B 220 -5.53 4.69 12.20
CA ASN B 220 -4.09 4.78 12.17
C ASN B 220 -3.37 3.46 11.86
N LEU B 221 -4.11 2.41 11.50
CA LEU B 221 -3.50 1.20 10.97
C LEU B 221 -4.39 0.60 9.90
N THR B 222 -3.78 -0.17 9.00
CA THR B 222 -4.48 -0.84 7.92
C THR B 222 -3.84 -2.20 7.71
N LEU B 223 -4.67 -3.24 7.64
CA LEU B 223 -4.22 -4.61 7.49
C LEU B 223 -4.53 -5.06 6.06
N MET B 224 -3.49 -5.32 5.27
CA MET B 224 -3.66 -5.73 3.89
C MET B 224 -3.26 -7.19 3.73
N ILE B 225 -4.09 -7.95 3.03
CA ILE B 225 -3.81 -9.35 2.70
C ILE B 225 -3.97 -9.49 1.21
N ILE B 226 -2.87 -9.76 0.49
CA ILE B 226 -2.89 -9.88 -0.96
C ILE B 226 -2.16 -11.14 -1.41
N PRO B 227 -2.72 -11.93 -2.35
CA PRO B 227 -2.09 -13.17 -2.77
C PRO B 227 -1.09 -12.95 -3.89
N PHE B 228 0.19 -13.19 -3.61
CA PHE B 228 1.20 -13.08 -4.66
C PHE B 228 1.16 -14.28 -5.60
N VAL B 229 1.10 -15.48 -5.05
CA VAL B 229 0.93 -16.71 -5.81
C VAL B 229 -0.50 -17.17 -5.62
N PRO B 230 -1.29 -17.33 -6.69
CA PRO B 230 -2.72 -17.58 -6.52
C PRO B 230 -3.00 -19.00 -6.06
N LEU B 231 -4.23 -19.19 -5.60
CA LEU B 231 -4.66 -20.51 -5.14
C LEU B 231 -4.84 -21.43 -6.34
N ASN B 232 -4.39 -22.67 -6.18
CA ASN B 232 -4.52 -23.66 -7.23
C ASN B 232 -4.61 -25.03 -6.60
N TYR B 233 -5.34 -25.93 -7.26
CA TYR B 233 -5.52 -27.30 -6.80
C TYR B 233 -5.99 -28.12 -7.98
N SER B 234 -5.86 -29.44 -7.86
CA SER B 234 -6.38 -30.29 -8.91
C SER B 234 -7.83 -30.65 -8.63
N GLU B 235 -8.50 -31.16 -9.65
CA GLU B 235 -9.94 -31.43 -9.57
C GLU B 235 -10.18 -32.65 -8.69
N GLY B 236 -10.91 -32.46 -7.60
CA GLY B 236 -11.14 -33.52 -6.66
C GLY B 236 -10.83 -33.11 -5.24
N SER B 237 -10.16 -31.97 -5.09
CA SER B 237 -9.88 -31.39 -3.79
C SER B 237 -11.00 -30.43 -3.40
N SER B 238 -11.03 -30.06 -2.14
CA SER B 238 -12.09 -29.20 -1.64
C SER B 238 -11.89 -27.78 -2.15
N PRO B 239 -12.88 -27.19 -2.82
CA PRO B 239 -12.66 -25.90 -3.50
C PRO B 239 -12.90 -24.66 -2.64
N TYR B 240 -13.44 -24.78 -1.44
CA TYR B 240 -13.76 -23.63 -0.60
C TYR B 240 -12.69 -23.49 0.47
N VAL B 241 -11.91 -22.43 0.37
CA VAL B 241 -10.84 -22.12 1.31
C VAL B 241 -11.12 -20.74 1.91
N PRO B 242 -11.50 -20.65 3.19
CA PRO B 242 -11.78 -19.34 3.79
C PRO B 242 -10.58 -18.76 4.52
N ILE B 243 -10.65 -17.44 4.77
CA ILE B 243 -9.66 -16.69 5.53
C ILE B 243 -10.37 -15.99 6.68
N THR B 244 -9.79 -16.04 7.87
CA THR B 244 -10.41 -15.50 9.07
C THR B 244 -9.40 -14.65 9.83
N VAL B 245 -9.81 -13.46 10.26
CA VAL B 245 -8.94 -12.52 10.96
C VAL B 245 -9.48 -12.31 12.38
N THR B 246 -8.63 -12.49 13.38
CA THR B 246 -8.98 -12.20 14.77
C THR B 246 -8.05 -11.13 15.31
N ILE B 247 -8.62 -10.09 15.92
CA ILE B 247 -7.86 -8.95 16.41
C ILE B 247 -8.15 -8.75 17.90
N ALA B 248 -7.09 -8.64 18.68
CA ALA B 248 -7.24 -8.43 20.11
C ALA B 248 -6.51 -7.18 20.58
N PRO B 249 -7.22 -6.19 21.11
CA PRO B 249 -6.56 -4.99 21.63
C PRO B 249 -5.70 -5.30 22.85
N MET B 250 -4.64 -4.51 23.02
CA MET B 250 -3.70 -4.73 24.10
C MET B 250 -3.32 -3.39 24.72
N CYS B 251 -3.51 -3.29 26.03
CA CYS B 251 -3.19 -2.11 26.85
C CYS B 251 -3.93 -0.88 26.35
N ALA B 252 -5.26 -0.98 26.36
CA ALA B 252 -6.14 0.08 25.90
C ALA B 252 -6.58 0.94 27.08
N GLU B 253 -6.64 2.25 26.85
CA GLU B 253 -7.05 3.20 27.87
C GLU B 253 -7.67 4.41 27.20
N TYR B 254 -8.71 4.95 27.82
CA TYR B 254 -9.54 5.98 27.23
C TYR B 254 -9.58 7.19 28.15
N ASN B 255 -10.07 8.31 27.63
CA ASN B 255 -10.02 9.56 28.38
C ASN B 255 -11.04 10.53 27.82
N GLY B 256 -11.58 11.39 28.69
CA GLY B 256 -12.52 12.41 28.28
C GLY B 256 -13.95 11.98 28.02
N LEU B 257 -14.68 11.61 29.07
CA LEU B 257 -16.01 11.05 28.92
C LEU B 257 -17.05 12.13 28.61
N ARG B 258 -17.98 11.81 27.72
CA ARG B 258 -19.07 12.72 27.33
C ARG B 258 -20.22 11.85 26.79
N LEU B 259 -21.14 12.47 26.05
CA LEU B 259 -22.33 11.82 25.48
C LEU B 259 -21.96 10.70 24.51
N ALA B 260 -22.99 10.03 23.99
CA ALA B 260 -22.80 8.77 23.29
C ALA B 260 -22.23 8.95 21.89
N SER B 261 -22.87 9.76 21.05
CA SER B 261 -22.68 9.82 19.60
C SER B 261 -22.84 8.46 18.94
N GLY C 1 38.07 48.77 15.21
CA GLY C 1 38.36 48.72 13.79
C GLY C 1 39.44 47.72 13.42
N LEU C 2 39.15 46.45 13.58
CA LEU C 2 40.09 45.39 13.24
C LEU C 2 40.21 45.27 11.73
N PRO C 3 41.41 45.28 11.17
CA PRO C 3 41.57 45.22 9.72
C PRO C 3 41.44 43.79 9.20
N VAL C 4 40.47 43.58 8.30
CA VAL C 4 40.22 42.28 7.69
C VAL C 4 40.44 42.38 6.19
N MET C 5 40.25 41.26 5.50
CA MET C 5 40.39 41.18 4.05
C MET C 5 39.52 40.04 3.55
N THR C 6 38.58 40.34 2.65
CA THR C 6 37.59 39.35 2.24
C THR C 6 38.10 38.53 1.06
N THR C 7 38.25 37.23 1.27
CA THR C 7 38.78 36.30 0.30
C THR C 7 37.73 36.00 -0.77
N PRO C 8 38.13 35.41 -1.91
CA PRO C 8 37.14 34.96 -2.90
C PRO C 8 36.20 33.91 -2.36
N GLY C 9 35.02 33.85 -2.95
CA GLY C 9 33.99 32.96 -2.49
C GLY C 9 33.03 33.58 -1.50
N SER C 10 33.06 34.88 -1.31
CA SER C 10 32.14 35.53 -0.38
C SER C 10 30.92 36.04 -1.12
N THR C 11 29.85 36.27 -0.36
CA THR C 11 28.51 36.64 -0.84
C THR C 11 28.01 35.68 -1.92
N GLN C 12 28.24 34.39 -1.73
CA GLN C 12 27.74 33.36 -2.61
C GLN C 12 26.78 32.47 -1.83
N PHE C 13 26.08 31.60 -2.55
CA PHE C 13 25.07 30.73 -1.98
C PHE C 13 25.30 29.33 -2.52
N LEU C 14 26.10 28.55 -1.80
CA LEU C 14 26.31 27.15 -2.12
C LEU C 14 25.25 26.32 -1.39
N THR C 15 24.63 25.39 -2.11
CA THR C 15 23.47 24.70 -1.53
C THR C 15 23.86 23.54 -0.65
N SER C 16 25.14 23.35 -0.33
CA SER C 16 25.57 22.26 0.53
C SER C 16 26.59 22.75 1.54
N ASP C 17 26.30 23.87 2.19
CA ASP C 17 27.14 24.40 3.26
C ASP C 17 26.37 24.31 4.57
N ASP C 18 26.96 24.82 5.64
CA ASP C 18 26.30 24.86 6.93
C ASP C 18 26.94 25.94 7.78
N PHE C 19 26.25 27.06 7.91
CA PHE C 19 26.72 28.19 8.69
C PHE C 19 25.62 28.53 9.69
N GLN C 20 26.01 29.15 10.80
CA GLN C 20 25.02 29.57 11.77
C GLN C 20 24.39 30.86 11.26
N SER C 21 23.10 31.00 11.50
CA SER C 21 22.32 32.10 10.98
C SER C 21 21.36 32.52 12.06
N PRO C 22 20.99 33.80 12.13
CA PRO C 22 20.11 34.25 13.22
C PRO C 22 18.67 33.79 13.14
N SER C 23 18.14 33.34 14.26
CA SER C 23 16.80 32.76 14.30
C SER C 23 15.74 33.85 14.19
N ALA C 24 14.68 33.54 13.45
CA ALA C 24 13.60 34.49 13.22
C ALA C 24 12.57 34.50 14.35
N MET C 25 12.55 33.47 15.19
CA MET C 25 11.62 33.40 16.31
C MET C 25 12.43 33.16 17.57
N PRO C 26 12.84 34.21 18.26
CA PRO C 26 13.72 34.04 19.42
C PRO C 26 12.96 33.60 20.66
N GLN C 27 13.61 32.74 21.44
CA GLN C 27 13.13 32.16 22.70
C GLN C 27 11.81 31.41 22.48
N PHE C 28 11.85 30.49 21.54
CA PHE C 28 10.70 29.67 21.20
C PHE C 28 10.79 28.33 21.92
N ASP C 29 9.65 27.87 22.44
CA ASP C 29 9.57 26.66 23.24
C ASP C 29 8.95 25.54 22.42
N VAL C 30 9.77 24.62 21.95
CA VAL C 30 9.29 23.53 21.13
C VAL C 30 8.61 22.49 22.00
N THR C 31 7.76 21.66 21.40
CA THR C 31 7.09 20.60 22.12
C THR C 31 8.08 19.53 22.53
N PRO C 32 7.88 18.88 23.67
CA PRO C 32 8.82 17.85 24.12
C PRO C 32 8.79 16.62 23.24
N GLU C 33 9.93 15.93 23.22
CA GLU C 33 10.09 14.76 22.38
C GLU C 33 9.34 13.57 22.97
N MET C 34 8.99 12.62 22.11
CA MET C 34 8.23 11.45 22.50
C MET C 34 8.84 10.21 21.87
N GLN C 35 8.71 9.08 22.54
CA GLN C 35 9.26 7.82 22.05
C GLN C 35 8.30 7.22 21.04
N ILE C 36 8.53 7.51 19.77
CA ILE C 36 7.78 6.86 18.69
C ILE C 36 8.55 5.63 18.25
N PRO C 37 7.89 4.49 18.01
CA PRO C 37 8.62 3.29 17.59
C PRO C 37 9.14 3.38 16.17
N GLY C 38 10.30 2.77 15.94
CA GLY C 38 10.80 2.59 14.60
C GLY C 38 11.60 3.75 14.05
N ARG C 39 12.64 4.17 14.76
CA ARG C 39 13.45 5.32 14.37
C ARG C 39 14.52 4.91 13.38
N VAL C 40 14.66 5.68 12.30
CA VAL C 40 15.70 5.46 11.31
C VAL C 40 16.87 6.39 11.63
N ASN C 41 18.06 5.81 11.70
CA ASN C 41 19.28 6.58 11.91
C ASN C 41 20.13 6.69 10.66
N ASN C 42 19.97 5.78 9.70
CA ASN C 42 20.90 5.65 8.59
C ASN C 42 20.16 4.96 7.45
N LEU C 43 20.38 5.44 6.24
CA LEU C 43 19.59 4.96 5.10
C LEU C 43 19.98 3.55 4.67
N MET C 44 21.14 3.05 5.09
CA MET C 44 21.52 1.70 4.73
C MET C 44 20.74 0.65 5.52
N GLU C 45 20.06 1.03 6.59
CA GLU C 45 19.18 0.10 7.29
C GLU C 45 17.94 -0.22 6.48
N ILE C 46 17.47 0.72 5.66
CA ILE C 46 16.31 0.49 4.83
C ILE C 46 16.64 -0.45 3.68
N ALA C 47 17.85 -0.35 3.14
CA ALA C 47 18.27 -1.18 2.02
C ALA C 47 18.83 -2.52 2.45
N GLU C 48 18.49 -2.99 3.66
CA GLU C 48 18.93 -4.28 4.15
C GLU C 48 17.76 -5.18 4.47
N VAL C 49 16.56 -4.78 4.07
CA VAL C 49 15.37 -5.60 4.21
C VAL C 49 15.04 -6.17 2.85
N ASP C 50 14.27 -7.25 2.84
CA ASP C 50 14.00 -7.97 1.61
C ASP C 50 12.86 -7.32 0.83
N SER C 51 12.92 -7.47 -0.49
CA SER C 51 11.90 -6.93 -1.37
C SER C 51 11.76 -7.83 -2.58
N VAL C 52 10.53 -8.02 -3.04
CA VAL C 52 10.26 -9.00 -4.09
C VAL C 52 10.71 -8.43 -5.42
N VAL C 53 11.40 -9.25 -6.20
CA VAL C 53 12.07 -8.82 -7.44
C VAL C 53 11.18 -9.19 -8.62
N PRO C 54 10.83 -8.26 -9.50
CA PRO C 54 10.04 -8.61 -10.68
C PRO C 54 10.88 -9.24 -11.78
N VAL C 55 11.14 -10.54 -11.68
CA VAL C 55 12.00 -11.22 -12.66
C VAL C 55 11.25 -11.51 -13.96
N ASN C 56 9.95 -11.27 -14.02
CA ASN C 56 9.10 -11.76 -15.09
C ASN C 56 8.36 -10.63 -15.77
N ASN C 57 9.10 -9.62 -16.25
CA ASN C 57 8.49 -8.45 -16.88
C ASN C 57 7.67 -8.80 -18.12
N THR C 58 8.36 -9.21 -19.19
CA THR C 58 7.80 -9.90 -20.37
C THR C 58 6.62 -9.13 -21.00
N GLU C 59 6.70 -7.80 -20.99
CA GLU C 59 5.97 -6.89 -21.86
C GLU C 59 4.47 -6.78 -21.58
N ASP C 60 3.89 -7.72 -20.82
CA ASP C 60 2.49 -7.63 -20.49
C ASP C 60 2.17 -8.09 -19.08
N ASN C 61 3.17 -8.46 -18.29
CA ASN C 61 2.98 -8.81 -16.90
C ASN C 61 3.37 -7.71 -15.94
N VAL C 62 3.79 -6.54 -16.45
CA VAL C 62 4.22 -5.49 -15.55
C VAL C 62 3.03 -4.79 -14.91
N SER C 63 1.90 -4.74 -15.60
CA SER C 63 0.67 -4.24 -15.00
C SER C 63 -0.17 -5.38 -14.44
N SER C 64 0.44 -6.21 -13.60
CA SER C 64 -0.20 -7.38 -13.02
C SER C 64 0.64 -7.85 -11.84
N LEU C 65 0.15 -8.89 -11.18
CA LEU C 65 0.96 -9.58 -10.18
C LEU C 65 1.71 -10.76 -10.77
N LYS C 66 1.67 -10.94 -12.09
CA LYS C 66 2.47 -11.96 -12.75
C LYS C 66 3.93 -11.60 -12.85
N ALA C 67 4.27 -10.33 -12.60
CA ALA C 67 5.66 -9.89 -12.70
C ALA C 67 6.52 -10.51 -11.61
N TYR C 68 5.93 -10.86 -10.48
CA TYR C 68 6.70 -11.31 -9.33
C TYR C 68 6.86 -12.83 -9.28
N GLN C 69 6.16 -13.58 -10.13
CA GLN C 69 6.18 -15.03 -10.09
C GLN C 69 7.05 -15.58 -11.20
N ILE C 70 7.87 -16.56 -10.86
CA ILE C 70 8.75 -17.23 -11.81
C ILE C 70 8.15 -18.60 -12.12
N PRO C 71 7.78 -18.89 -13.36
CA PRO C 71 7.07 -20.14 -13.67
C PRO C 71 8.03 -21.32 -13.70
N VAL C 72 7.76 -22.30 -12.84
CA VAL C 72 8.53 -23.54 -12.76
C VAL C 72 7.54 -24.68 -12.88
N GLN C 73 7.80 -25.62 -13.79
CA GLN C 73 6.90 -26.73 -14.01
C GLN C 73 7.68 -28.02 -14.21
N SER C 74 6.93 -29.12 -14.26
CA SER C 74 7.50 -30.46 -14.35
C SER C 74 7.78 -30.80 -15.81
N ASN C 75 8.99 -30.53 -16.27
CA ASN C 75 9.33 -30.69 -17.67
C ASN C 75 9.87 -32.08 -17.93
N SER C 76 10.45 -32.27 -19.11
CA SER C 76 11.03 -33.55 -19.49
C SER C 76 12.41 -33.46 -20.13
N ASP C 77 12.97 -32.26 -20.29
CA ASP C 77 14.31 -32.09 -20.84
C ASP C 77 15.25 -31.54 -19.78
N ASN C 78 16.51 -31.95 -19.84
CA ASN C 78 17.44 -31.69 -18.75
C ASN C 78 18.23 -30.41 -18.98
N GLY C 79 18.55 -29.74 -17.88
CA GLY C 79 19.37 -28.55 -17.94
C GLY C 79 18.67 -27.33 -18.48
N LYS C 80 17.35 -27.30 -18.44
CA LYS C 80 16.59 -26.17 -18.95
C LYS C 80 16.78 -24.97 -18.03
N GLN C 81 16.86 -23.78 -18.62
CA GLN C 81 17.07 -22.59 -17.82
C GLN C 81 15.76 -22.09 -17.23
N VAL C 82 15.86 -21.42 -16.09
CA VAL C 82 14.68 -20.82 -15.47
C VAL C 82 14.62 -19.32 -15.70
N PHE C 83 15.68 -18.58 -15.34
CA PHE C 83 15.73 -17.15 -15.63
C PHE C 83 17.17 -16.74 -15.84
N GLY C 84 17.39 -15.43 -15.89
CA GLY C 84 18.71 -14.85 -16.06
C GLY C 84 18.64 -13.36 -16.26
N PHE C 85 19.50 -12.60 -15.60
CA PHE C 85 19.53 -11.14 -15.73
C PHE C 85 20.89 -10.64 -15.32
N PRO C 86 21.39 -9.57 -15.93
CA PRO C 86 22.68 -9.02 -15.53
C PRO C 86 22.59 -8.26 -14.21
N LEU C 87 23.67 -8.35 -13.44
CA LEU C 87 23.71 -7.76 -12.11
C LEU C 87 24.10 -6.30 -12.24
N GLN C 88 23.08 -5.45 -12.36
CA GLN C 88 23.24 -4.00 -12.35
C GLN C 88 22.13 -3.45 -11.48
N PRO C 89 22.39 -3.23 -10.19
CA PRO C 89 21.31 -2.88 -9.26
C PRO C 89 20.83 -1.44 -9.34
N GLY C 90 21.29 -0.65 -10.30
CA GLY C 90 20.81 0.70 -10.44
C GLY C 90 20.45 1.06 -11.86
N ALA C 91 20.80 0.19 -12.81
CA ALA C 91 20.54 0.46 -14.22
C ALA C 91 19.68 -0.60 -14.89
N ASN C 92 19.79 -1.86 -14.47
CA ASN C 92 19.02 -2.91 -15.10
C ASN C 92 17.60 -2.89 -14.57
N ASN C 93 16.62 -3.00 -15.46
CA ASN C 93 15.22 -2.73 -15.12
C ASN C 93 14.55 -3.86 -14.35
N VAL C 94 15.28 -4.89 -13.95
CA VAL C 94 14.77 -5.90 -13.04
C VAL C 94 14.96 -5.49 -11.59
N LEU C 95 16.18 -5.11 -11.23
CA LEU C 95 16.50 -4.65 -9.87
C LEU C 95 16.43 -3.15 -9.73
N ASN C 96 15.73 -2.45 -10.63
CA ASN C 96 15.75 -1.00 -10.65
C ASN C 96 14.78 -0.39 -9.66
N ARG C 97 13.57 -0.95 -9.56
CA ARG C 97 12.51 -0.36 -8.75
C ARG C 97 12.27 -1.11 -7.46
N THR C 98 13.22 -1.92 -7.02
CA THR C 98 13.11 -2.56 -5.71
C THR C 98 13.50 -1.56 -4.62
N LEU C 99 13.53 -2.01 -3.38
CA LEU C 99 13.85 -1.10 -2.29
C LEU C 99 15.35 -0.84 -2.20
N LEU C 100 16.17 -1.82 -2.59
CA LEU C 100 17.60 -1.59 -2.71
C LEU C 100 17.92 -0.75 -3.94
N GLY C 101 17.15 -0.90 -5.01
CA GLY C 101 17.43 -0.16 -6.23
C GLY C 101 16.93 1.27 -6.19
N GLU C 102 15.89 1.54 -5.41
CA GLU C 102 15.37 2.89 -5.31
C GLU C 102 16.23 3.79 -4.43
N ILE C 103 16.96 3.21 -3.48
CA ILE C 103 17.90 3.97 -2.67
C ILE C 103 19.23 4.12 -3.39
N LEU C 104 19.60 3.13 -4.19
CA LEU C 104 20.81 3.20 -4.99
C LEU C 104 20.73 4.25 -6.09
N ASN C 105 19.55 4.69 -6.47
CA ASN C 105 19.43 5.72 -7.49
C ASN C 105 19.54 7.13 -6.94
N TYR C 106 19.77 7.28 -5.65
CA TYR C 106 20.09 8.56 -5.06
C TYR C 106 21.58 8.77 -4.90
N TYR C 107 22.39 7.74 -5.15
CA TYR C 107 23.84 7.80 -4.97
C TYR C 107 24.51 7.40 -6.27
N THR C 108 25.81 7.65 -6.37
CA THR C 108 26.54 7.43 -7.60
C THR C 108 27.43 6.19 -7.56
N HIS C 109 28.06 5.90 -6.43
CA HIS C 109 28.92 4.74 -6.29
C HIS C 109 28.33 3.77 -5.28
N TRP C 110 28.69 2.49 -5.42
CA TRP C 110 28.26 1.49 -4.45
C TRP C 110 29.35 0.44 -4.31
N SER C 111 29.26 -0.32 -3.22
CA SER C 111 30.24 -1.36 -2.92
C SER C 111 29.65 -2.34 -1.94
N GLY C 112 30.00 -3.60 -2.07
CA GLY C 112 29.58 -4.62 -1.14
C GLY C 112 28.92 -5.79 -1.84
N SER C 113 28.54 -6.78 -1.04
CA SER C 113 27.93 -7.99 -1.55
C SER C 113 26.42 -7.91 -1.40
N ILE C 114 25.73 -8.75 -2.18
CA ILE C 114 24.28 -8.67 -2.34
C ILE C 114 23.67 -10.04 -2.13
N LYS C 115 22.69 -10.14 -1.25
CA LYS C 115 21.98 -11.38 -0.99
C LYS C 115 20.88 -11.58 -2.01
N LEU C 116 20.50 -12.83 -2.24
CA LEU C 116 19.35 -13.20 -3.06
C LEU C 116 18.68 -14.41 -2.41
N THR C 117 17.49 -14.19 -1.85
CA THR C 117 16.73 -15.27 -1.22
C THR C 117 15.66 -15.73 -2.19
N PHE C 118 15.44 -17.03 -2.26
CA PHE C 118 14.39 -17.62 -3.07
C PHE C 118 13.38 -18.31 -2.15
N MET C 119 12.18 -18.55 -2.69
CA MET C 119 11.15 -19.19 -1.88
C MET C 119 10.25 -20.00 -2.80
N PHE C 120 10.09 -21.28 -2.47
CA PHE C 120 9.32 -22.21 -3.30
C PHE C 120 7.86 -22.17 -2.85
N CYS C 121 7.01 -21.53 -3.63
CA CYS C 121 5.59 -21.44 -3.32
C CYS C 121 4.81 -22.49 -4.11
N GLY C 122 5.14 -23.75 -3.86
CA GLY C 122 4.50 -24.85 -4.55
C GLY C 122 3.70 -25.70 -3.60
N SER C 123 3.40 -26.94 -3.98
CA SER C 123 2.67 -27.83 -3.11
C SER C 123 3.60 -28.42 -2.05
N ALA C 124 3.01 -29.15 -1.11
CA ALA C 124 3.79 -29.78 -0.05
C ALA C 124 4.33 -31.14 -0.44
N MET C 125 3.94 -31.67 -1.59
CA MET C 125 4.44 -32.95 -2.07
C MET C 125 5.34 -32.82 -3.28
N ALA C 126 5.68 -31.60 -3.71
CA ALA C 126 6.54 -31.40 -4.87
C ALA C 126 7.98 -31.28 -4.39
N THR C 127 8.87 -32.05 -5.01
CA THR C 127 10.28 -32.07 -4.65
C THR C 127 11.13 -31.78 -5.89
N GLY C 128 12.22 -31.04 -5.70
CA GLY C 128 13.10 -30.75 -6.81
C GLY C 128 14.42 -30.19 -6.33
N LYS C 129 15.32 -29.95 -7.28
CA LYS C 129 16.60 -29.34 -6.99
C LYS C 129 16.92 -28.32 -8.07
N PHE C 130 17.64 -27.27 -7.69
CA PHE C 130 18.01 -26.19 -8.58
C PHE C 130 19.46 -25.82 -8.38
N LEU C 131 20.03 -25.18 -9.41
CA LEU C 131 21.40 -24.68 -9.37
C LEU C 131 21.36 -23.17 -9.58
N LEU C 132 21.71 -22.42 -8.54
CA LEU C 132 21.68 -20.96 -8.58
C LEU C 132 23.13 -20.48 -8.73
N ALA C 133 23.48 -20.01 -9.92
CA ALA C 133 24.86 -19.68 -10.23
C ALA C 133 25.04 -18.17 -10.33
N TYR C 134 26.31 -17.78 -10.45
CA TYR C 134 26.70 -16.39 -10.68
C TYR C 134 28.06 -16.40 -11.36
N SER C 135 28.20 -15.68 -12.46
CA SER C 135 29.41 -15.72 -13.23
C SER C 135 30.00 -14.32 -13.38
N PRO C 136 31.24 -14.11 -12.97
CA PRO C 136 31.90 -12.81 -13.16
C PRO C 136 32.12 -12.54 -14.64
N PRO C 137 32.23 -11.28 -15.05
CA PRO C 137 32.25 -10.95 -16.47
C PRO C 137 33.58 -11.30 -17.12
N GLY C 138 33.67 -11.03 -18.42
CA GLY C 138 34.86 -11.34 -19.18
C GLY C 138 34.56 -12.31 -20.29
N ALA C 139 33.74 -13.30 -19.99
CA ALA C 139 33.14 -14.15 -20.99
C ALA C 139 31.76 -13.57 -21.31
N GLY C 140 30.97 -14.32 -22.06
CA GLY C 140 29.62 -13.88 -22.33
C GLY C 140 28.68 -14.22 -21.18
N VAL C 141 27.50 -14.70 -21.52
CA VAL C 141 26.57 -15.25 -20.53
C VAL C 141 26.63 -16.77 -20.67
N PRO C 142 26.55 -17.53 -19.57
CA PRO C 142 26.53 -18.99 -19.69
C PRO C 142 25.26 -19.48 -20.35
N LYS C 143 25.41 -20.38 -21.32
CA LYS C 143 24.29 -20.88 -22.09
C LYS C 143 23.92 -22.32 -21.80
N ASN C 144 24.72 -23.04 -21.01
CA ASN C 144 24.40 -24.40 -20.59
C ASN C 144 24.55 -24.50 -19.09
N ARG C 145 24.11 -25.63 -18.53
CA ARG C 145 24.41 -25.90 -17.14
C ARG C 145 25.87 -26.29 -16.96
N LYS C 146 26.52 -26.77 -18.03
CA LYS C 146 27.94 -27.06 -17.98
C LYS C 146 28.77 -25.80 -17.80
N ASP C 147 28.45 -24.74 -18.52
CA ASP C 147 29.25 -23.52 -18.45
C ASP C 147 28.92 -22.72 -17.19
N ALA C 148 27.72 -22.89 -16.64
CA ALA C 148 27.33 -22.15 -15.45
C ALA C 148 27.78 -22.81 -14.16
N MET C 149 28.22 -24.06 -14.20
CA MET C 149 28.67 -24.72 -12.98
C MET C 149 30.09 -24.30 -12.62
N LEU C 150 30.79 -23.64 -13.53
CA LEU C 150 32.17 -23.23 -13.25
C LEU C 150 32.22 -21.93 -12.47
N GLY C 151 31.11 -21.23 -12.34
CA GLY C 151 31.09 -19.98 -11.60
C GLY C 151 30.93 -20.19 -10.12
N THR C 152 30.12 -19.37 -9.47
CA THR C 152 29.84 -19.46 -8.05
C THR C 152 28.41 -19.96 -7.90
N HIS C 153 28.24 -21.21 -7.53
CA HIS C 153 26.91 -21.80 -7.57
C HIS C 153 26.57 -22.45 -6.25
N VAL C 154 25.27 -22.60 -6.00
CA VAL C 154 24.73 -23.22 -4.80
C VAL C 154 23.63 -24.18 -5.25
N ILE C 155 23.73 -25.44 -4.86
CA ILE C 155 22.70 -26.42 -5.20
C ILE C 155 21.67 -26.44 -4.08
N TRP C 156 20.43 -26.11 -4.43
CA TRP C 156 19.35 -25.94 -3.47
C TRP C 156 18.43 -27.14 -3.51
N ASP C 157 18.19 -27.74 -2.36
CA ASP C 157 17.24 -28.84 -2.24
C ASP C 157 15.96 -28.30 -1.62
N VAL C 158 14.82 -28.64 -2.22
CA VAL C 158 13.53 -28.16 -1.77
C VAL C 158 12.96 -29.17 -0.80
N GLY C 159 12.78 -28.77 0.45
CA GLY C 159 12.27 -29.67 1.46
C GLY C 159 11.35 -28.97 2.44
N LEU C 160 11.59 -29.19 3.74
CA LEU C 160 10.79 -28.53 4.75
C LEU C 160 11.16 -27.05 4.84
N GLN C 161 12.45 -26.75 4.97
CA GLN C 161 12.92 -25.37 4.92
C GLN C 161 12.80 -24.87 3.49
N SER C 162 12.01 -23.83 3.29
CA SER C 162 11.59 -23.42 1.96
C SER C 162 12.29 -22.16 1.47
N SER C 163 13.58 -22.00 1.74
CA SER C 163 14.30 -20.82 1.27
C SER C 163 15.78 -21.13 1.17
N CYS C 164 16.42 -20.63 0.12
CA CYS C 164 17.86 -20.69 -0.03
C CYS C 164 18.38 -19.31 -0.35
N VAL C 165 19.61 -19.03 0.09
CA VAL C 165 20.22 -17.72 -0.08
C VAL C 165 21.49 -17.87 -0.89
N LEU C 166 21.50 -17.32 -2.10
CA LEU C 166 22.70 -17.20 -2.90
C LEU C 166 23.32 -15.84 -2.60
N CYS C 167 24.52 -15.86 -2.03
CA CYS C 167 25.20 -14.63 -1.67
C CYS C 167 26.23 -14.29 -2.73
N VAL C 168 25.94 -13.25 -3.51
CA VAL C 168 26.80 -12.82 -4.60
C VAL C 168 27.96 -12.03 -4.00
N PRO C 169 29.19 -12.52 -4.07
CA PRO C 169 30.29 -11.84 -3.38
C PRO C 169 30.75 -10.61 -4.15
N TRP C 170 31.64 -9.85 -3.50
CA TRP C 170 32.18 -8.63 -4.10
C TRP C 170 33.51 -8.96 -4.74
N ILE C 171 33.51 -9.17 -6.05
CA ILE C 171 34.72 -9.40 -6.83
C ILE C 171 34.82 -8.25 -7.81
N SER C 172 35.83 -7.40 -7.63
CA SER C 172 36.02 -6.28 -8.53
C SER C 172 37.48 -5.85 -8.50
N GLN C 173 37.86 -5.04 -9.49
CA GLN C 173 39.19 -4.46 -9.48
C GLN C 173 39.22 -3.17 -8.67
N THR C 174 38.15 -2.39 -8.73
CA THR C 174 38.05 -1.11 -8.04
C THR C 174 37.29 -1.28 -6.74
N HIS C 175 37.45 -0.32 -5.84
CA HIS C 175 36.73 -0.36 -4.57
C HIS C 175 35.26 -0.03 -4.72
N TYR C 176 34.85 0.60 -5.82
CA TYR C 176 33.47 1.04 -6.01
C TYR C 176 33.09 0.81 -7.46
N ARG C 177 31.79 0.72 -7.71
CA ARG C 177 31.25 0.62 -9.05
C ARG C 177 30.24 1.73 -9.26
N TYR C 178 30.04 2.13 -10.50
CA TYR C 178 29.08 3.18 -10.84
C TYR C 178 27.68 2.61 -10.82
N VAL C 179 26.72 3.42 -10.41
CA VAL C 179 25.32 3.00 -10.44
C VAL C 179 24.81 2.94 -11.87
N VAL C 180 25.24 3.89 -12.71
CA VAL C 180 24.82 3.96 -14.11
C VAL C 180 25.44 2.81 -14.89
N GLU C 181 24.93 2.57 -16.09
CA GLU C 181 25.42 1.46 -16.91
C GLU C 181 26.73 1.88 -17.57
N ASP C 182 27.84 1.35 -17.07
CA ASP C 182 29.16 1.60 -17.62
C ASP C 182 29.78 0.25 -17.94
N GLU C 183 30.36 0.12 -19.13
CA GLU C 183 30.99 -1.14 -19.51
C GLU C 183 32.32 -1.36 -18.83
N TYR C 184 32.92 -0.32 -18.25
CA TYR C 184 34.19 -0.48 -17.56
C TYR C 184 34.01 -1.18 -16.22
N THR C 185 32.87 -1.00 -15.57
CA THR C 185 32.63 -1.59 -14.26
C THR C 185 31.44 -2.53 -14.30
N ALA C 186 31.39 -3.42 -15.28
CA ALA C 186 30.34 -4.43 -15.33
C ALA C 186 30.53 -5.42 -14.19
N ALA C 187 29.45 -6.10 -13.82
CA ALA C 187 29.45 -6.89 -12.60
C ALA C 187 29.16 -8.37 -12.80
N GLY C 188 28.48 -8.75 -13.87
CA GLY C 188 28.31 -10.16 -14.14
C GLY C 188 26.86 -10.49 -14.40
N TYR C 189 26.54 -11.78 -14.30
CA TYR C 189 25.24 -12.32 -14.67
C TYR C 189 24.80 -13.33 -13.62
N VAL C 190 23.49 -13.41 -13.41
CA VAL C 190 22.90 -14.31 -12.42
C VAL C 190 21.92 -15.21 -13.14
N THR C 191 22.13 -16.52 -13.07
CA THR C 191 21.32 -17.50 -13.77
C THR C 191 20.80 -18.55 -12.80
N CYS C 192 19.90 -19.42 -13.28
CA CYS C 192 19.35 -20.50 -12.48
C CYS C 192 18.86 -21.61 -13.39
N TRP C 193 19.17 -22.86 -13.04
CA TRP C 193 18.98 -24.00 -13.92
C TRP C 193 18.37 -25.16 -13.15
N TYR C 194 17.69 -26.04 -13.88
CA TYR C 194 17.15 -27.26 -13.29
C TYR C 194 18.27 -28.25 -13.02
N GLN C 195 18.44 -28.67 -11.78
CA GLN C 195 19.38 -29.77 -11.52
C GLN C 195 18.71 -31.11 -11.77
N THR C 196 17.69 -31.42 -11.00
CA THR C 196 16.79 -32.55 -11.26
C THR C 196 15.39 -32.00 -11.50
N ASN C 197 14.45 -32.89 -11.77
CA ASN C 197 13.12 -32.47 -12.18
C ASN C 197 12.28 -32.07 -10.97
N ILE C 198 11.12 -31.47 -11.24
CA ILE C 198 10.08 -31.29 -10.24
C ILE C 198 9.18 -32.50 -10.32
N VAL C 199 9.35 -33.43 -9.39
CA VAL C 199 8.58 -34.68 -9.40
C VAL C 199 7.43 -34.50 -8.43
N VAL C 200 6.24 -34.92 -8.83
CA VAL C 200 5.03 -34.59 -8.09
C VAL C 200 4.10 -35.79 -8.15
N PRO C 201 3.24 -36.02 -7.14
CA PRO C 201 2.30 -37.15 -7.22
C PRO C 201 1.13 -36.98 -8.17
N ALA C 202 0.21 -37.92 -8.15
CA ALA C 202 -1.02 -37.78 -8.91
C ALA C 202 -1.97 -36.84 -8.19
N ASP C 203 -2.87 -36.22 -8.97
CA ASP C 203 -3.87 -35.25 -8.49
C ASP C 203 -3.23 -34.04 -7.82
N VAL C 204 -2.03 -33.66 -8.26
CA VAL C 204 -1.37 -32.44 -7.85
C VAL C 204 -0.99 -31.70 -9.12
N GLN C 205 -1.19 -30.38 -9.13
CA GLN C 205 -0.85 -29.59 -10.30
C GLN C 205 0.67 -29.52 -10.49
N SER C 206 1.09 -29.61 -11.75
CA SER C 206 2.52 -29.66 -12.06
C SER C 206 3.17 -28.29 -12.13
N SER C 207 2.38 -27.23 -12.29
CA SER C 207 2.93 -25.90 -12.47
C SER C 207 2.99 -25.17 -11.13
N CYS C 208 4.19 -24.79 -10.71
CA CYS C 208 4.43 -24.09 -9.45
C CYS C 208 5.05 -22.73 -9.74
N ASP C 209 5.32 -21.98 -8.67
CA ASP C 209 5.92 -20.66 -8.76
C ASP C 209 7.05 -20.52 -7.73
N ILE C 210 7.84 -19.45 -7.89
CA ILE C 210 8.97 -19.15 -7.03
C ILE C 210 9.06 -17.63 -6.89
N LEU C 211 9.13 -17.14 -5.66
CA LEU C 211 9.38 -15.72 -5.41
C LEU C 211 10.87 -15.48 -5.17
N CYS C 212 11.31 -14.24 -5.36
CA CYS C 212 12.72 -13.90 -5.23
C CYS C 212 12.87 -12.57 -4.51
N PHE C 213 13.66 -12.57 -3.44
CA PHE C 213 13.91 -11.38 -2.62
C PHE C 213 15.35 -10.92 -2.79
N VAL C 214 15.57 -9.62 -2.60
CA VAL C 214 16.91 -9.05 -2.70
C VAL C 214 17.12 -8.11 -1.52
N SER C 215 18.38 -8.03 -1.06
CA SER C 215 18.77 -7.14 0.02
C SER C 215 20.26 -6.88 -0.12
N ALA C 216 20.84 -6.21 0.87
CA ALA C 216 22.26 -5.96 0.90
C ALA C 216 22.83 -6.60 2.16
N CYS C 217 24.11 -6.92 2.12
CA CYS C 217 24.77 -7.54 3.25
C CYS C 217 25.19 -6.47 4.26
N ASN C 218 25.98 -6.87 5.26
CA ASN C 218 26.41 -5.95 6.30
C ASN C 218 27.68 -5.20 5.95
N ASP C 219 28.12 -5.27 4.69
CA ASP C 219 29.27 -4.49 4.24
C ASP C 219 28.92 -3.70 2.99
N PHE C 220 27.71 -3.18 2.92
CA PHE C 220 27.26 -2.37 1.80
C PHE C 220 27.38 -0.89 2.14
N SER C 221 27.79 -0.09 1.16
CA SER C 221 27.89 1.34 1.37
C SER C 221 27.71 2.08 0.06
N VAL C 222 27.41 3.38 0.14
CA VAL C 222 27.11 4.22 -1.01
C VAL C 222 27.83 5.55 -0.85
N ARG C 223 27.84 6.33 -1.92
CA ARG C 223 28.68 7.52 -1.99
C ARG C 223 28.18 8.47 -3.06
N MET C 224 28.50 9.75 -2.89
CA MET C 224 28.31 10.82 -3.90
C MET C 224 26.85 10.99 -4.31
N LEU C 225 26.07 11.56 -3.39
CA LEU C 225 24.63 11.72 -3.56
C LEU C 225 24.29 12.63 -4.74
N LYS C 226 23.27 12.22 -5.51
CA LYS C 226 22.76 12.94 -6.68
C LYS C 226 21.24 12.97 -6.62
N ASP C 227 20.62 13.40 -7.73
CA ASP C 227 19.17 13.36 -7.85
C ASP C 227 18.71 12.04 -8.44
N THR C 228 17.40 11.84 -8.44
CA THR C 228 16.90 10.59 -9.00
C THR C 228 16.27 10.82 -10.36
N PRO C 229 16.40 9.88 -11.30
CA PRO C 229 15.80 10.05 -12.63
C PRO C 229 14.37 9.54 -12.78
N PHE C 230 13.65 9.29 -11.68
CA PHE C 230 12.32 8.68 -11.75
C PHE C 230 11.20 9.68 -11.41
N ILE C 231 11.43 10.97 -11.66
CA ILE C 231 10.48 12.01 -11.23
C ILE C 231 10.45 13.10 -12.30
N ARG C 232 9.25 13.46 -12.74
CA ARG C 232 9.07 14.53 -13.73
C ARG C 232 8.08 15.57 -13.21
N GLN C 233 8.14 16.75 -13.81
CA GLN C 233 7.25 17.85 -13.45
C GLN C 233 7.23 18.85 -14.59
N ASP C 234 6.06 19.42 -14.85
CA ASP C 234 5.89 20.44 -15.88
C ASP C 234 5.58 21.80 -15.27
N THR C 235 4.58 21.87 -14.39
CA THR C 235 4.27 23.09 -13.67
C THR C 235 4.02 22.73 -12.22
N PHE C 236 3.61 23.71 -11.41
CA PHE C 236 3.39 23.47 -10.00
C PHE C 236 2.10 22.69 -9.78
N TYR C 237 2.01 22.05 -8.62
CA TYR C 237 0.86 21.24 -8.28
C TYR C 237 -0.18 22.03 -7.51
N ALA D 3 34.58 27.28 23.43
CA ALA D 3 35.12 26.75 22.19
C ALA D 3 35.50 25.29 22.36
N GLN D 4 35.20 24.47 21.35
CA GLN D 4 35.52 23.06 21.39
C GLN D 4 36.20 22.64 20.10
N VAL D 5 37.13 21.69 20.22
CA VAL D 5 37.83 21.13 19.08
C VAL D 5 37.32 19.71 18.84
N SER D 6 37.36 19.29 17.58
CA SER D 6 36.72 18.06 17.18
C SER D 6 37.58 17.36 16.13
N THR D 7 36.99 16.41 15.41
CA THR D 7 37.71 15.32 14.75
C THR D 7 38.10 15.60 13.31
N GLN D 8 37.27 16.33 12.54
CA GLN D 8 37.54 16.75 11.16
C GLN D 8 37.79 15.56 10.24
N LYS D 9 36.69 14.90 9.89
CA LYS D 9 36.58 13.72 9.04
C LYS D 9 37.55 13.71 7.87
N THR D 10 38.31 12.62 7.76
CA THR D 10 39.37 12.48 6.77
C THR D 10 39.47 11.02 6.36
N GLY D 11 40.25 10.76 5.33
CA GLY D 11 40.36 9.42 4.77
C GLY D 11 41.31 8.51 5.52
N ILE D 25 43.55 15.72 12.48
CA ILE D 25 43.57 17.16 12.32
C ILE D 25 42.32 17.70 13.01
N HIS D 26 42.36 18.88 13.59
CA HIS D 26 41.25 19.37 14.38
C HIS D 26 40.66 20.64 13.79
N TYR D 27 39.52 21.06 14.33
CA TYR D 27 38.91 22.32 13.97
C TYR D 27 38.13 22.84 15.17
N THR D 28 38.05 24.16 15.29
CA THR D 28 37.38 24.79 16.41
C THR D 28 36.04 25.36 15.98
N ASN D 29 35.12 25.49 16.95
CA ASN D 29 33.77 25.96 16.65
C ASN D 29 33.18 26.61 17.88
N ILE D 30 32.76 27.87 17.75
CA ILE D 30 32.08 28.61 18.82
C ILE D 30 30.68 28.94 18.34
N ASN D 31 29.71 28.88 19.25
CA ASN D 31 28.34 29.27 18.93
C ASN D 31 28.13 30.73 19.32
N TYR D 32 27.51 31.50 18.42
CA TYR D 32 27.37 32.93 18.64
C TYR D 32 25.96 33.37 18.99
N TYR D 33 24.96 32.52 18.81
CA TYR D 33 23.57 32.91 18.98
C TYR D 33 22.96 32.24 20.19
N LYS D 34 21.88 32.84 20.69
CA LYS D 34 21.33 32.42 21.97
C LYS D 34 20.33 31.28 21.83
N ASP D 35 20.00 30.89 20.61
CA ASP D 35 18.99 29.86 20.39
C ASP D 35 19.64 28.59 19.87
N ALA D 36 19.15 27.45 20.32
CA ALA D 36 19.74 26.18 19.90
C ALA D 36 19.25 25.74 18.54
N ALA D 37 18.23 26.40 17.98
CA ALA D 37 17.80 26.13 16.62
C ALA D 37 18.49 26.94 15.55
N SER D 38 19.58 27.61 15.90
CA SER D 38 20.33 28.45 14.99
C SER D 38 21.80 27.99 14.92
N ASN D 39 22.03 26.73 15.23
CA ASN D 39 23.38 26.19 15.26
C ASN D 39 23.64 25.64 13.87
N SER D 40 24.77 24.98 13.69
CA SER D 40 25.08 24.32 12.44
C SER D 40 24.41 22.95 12.40
N ALA D 41 24.55 22.27 11.26
CA ALA D 41 24.03 20.91 11.16
C ALA D 41 24.93 19.96 11.93
N ASN D 42 24.38 18.78 12.27
CA ASN D 42 25.12 17.83 13.07
C ASN D 42 26.24 17.16 12.27
N ARG D 43 25.87 16.46 11.19
CA ARG D 43 26.76 15.90 10.18
C ARG D 43 27.71 14.80 10.68
N GLN D 44 27.72 14.49 11.97
CA GLN D 44 28.65 13.51 12.51
C GLN D 44 27.97 12.67 13.57
N ASP D 45 26.70 12.37 13.38
CA ASP D 45 25.93 11.52 14.30
C ASP D 45 25.80 10.12 13.69
N PHE D 46 26.89 9.36 13.78
CA PHE D 46 26.94 8.02 13.23
C PHE D 46 26.44 7.04 14.29
N THR D 47 25.23 6.52 14.08
CA THR D 47 24.67 5.49 14.93
C THR D 47 23.89 4.55 14.03
N GLN D 48 23.95 3.26 14.29
CA GLN D 48 23.24 2.26 13.49
C GLN D 48 22.60 1.23 14.41
N ASP D 49 21.41 0.78 14.03
CA ASP D 49 20.72 -0.33 14.68
C ASP D 49 19.68 -0.90 13.73
N PRO D 50 20.06 -1.77 12.79
CA PRO D 50 19.08 -2.37 11.88
C PRO D 50 18.37 -3.59 12.45
N GLY D 51 18.56 -3.91 13.72
CA GLY D 51 17.93 -5.09 14.29
C GLY D 51 16.45 -4.94 14.54
N LYS D 52 15.90 -3.75 14.37
CA LYS D 52 14.46 -3.56 14.52
C LYS D 52 13.72 -3.61 13.20
N PHE D 53 14.43 -3.57 12.06
CA PHE D 53 13.79 -3.69 10.76
C PHE D 53 14.05 -5.03 10.09
N THR D 54 15.23 -5.63 10.30
CA THR D 54 15.55 -6.88 9.66
C THR D 54 15.13 -8.08 10.50
N GLU D 55 15.31 -8.01 11.83
CA GLU D 55 14.93 -9.10 12.73
C GLU D 55 13.95 -8.61 13.78
N PRO D 56 12.68 -8.38 13.40
CA PRO D 56 11.67 -7.97 14.38
C PRO D 56 10.94 -9.17 14.99
N VAL D 57 11.70 -10.14 15.44
CA VAL D 57 11.18 -11.46 15.77
C VAL D 57 11.26 -11.66 17.29
N LYS D 58 10.24 -12.31 17.84
CA LYS D 58 10.16 -12.53 19.28
C LYS D 58 11.17 -13.58 19.76
N ASP D 59 11.06 -14.81 19.27
CA ASP D 59 12.02 -15.85 19.60
C ASP D 59 13.20 -15.75 18.64
N ILE D 60 14.39 -15.46 19.17
CA ILE D 60 15.56 -15.20 18.35
C ILE D 60 16.02 -16.49 17.69
N MET D 61 16.53 -16.39 16.48
CA MET D 61 16.98 -17.55 15.73
C MET D 61 18.46 -17.45 15.39
N VAL D 62 19.16 -18.56 15.57
CA VAL D 62 20.58 -18.66 15.30
C VAL D 62 20.74 -18.84 13.80
N LYS D 63 21.85 -18.33 13.26
CA LYS D 63 22.08 -18.38 11.82
C LYS D 63 22.33 -19.80 11.33
N THR D 64 23.04 -20.61 12.11
CA THR D 64 23.40 -21.96 11.68
C THR D 64 22.31 -22.99 12.00
N MET D 65 21.40 -22.70 12.91
CA MET D 65 20.32 -23.62 13.20
C MET D 65 19.23 -23.52 12.13
N PRO D 66 18.46 -24.59 11.93
CA PRO D 66 17.28 -24.48 11.06
C PRO D 66 16.21 -23.63 11.70
N ALA D 67 15.45 -22.93 10.85
CA ALA D 67 14.46 -21.98 11.34
C ALA D 67 13.23 -22.69 11.91
N LEU D 68 12.52 -23.43 11.08
CA LEU D 68 11.34 -24.17 11.51
C LEU D 68 11.77 -25.59 11.85
N ASN D 69 11.94 -25.86 13.14
CA ASN D 69 12.30 -27.20 13.56
C ASN D 69 11.29 -27.71 14.57
N GLN E 1 -35.37 -12.06 9.24
CA GLN E 1 -35.63 -12.07 7.81
C GLN E 1 -35.49 -10.67 7.23
N ILE E 2 -34.84 -10.57 6.07
CA ILE E 2 -34.60 -9.29 5.40
C ILE E 2 -35.63 -9.02 4.32
N VAL E 3 -36.38 -7.94 4.47
CA VAL E 3 -37.19 -7.36 3.40
C VAL E 3 -36.65 -6.12 2.70
N LEU E 4 -36.47 -6.20 1.38
CA LEU E 4 -35.89 -5.13 0.60
C LEU E 4 -37.07 -4.29 0.12
N SER E 5 -37.16 -3.05 0.61
CA SER E 5 -38.23 -2.15 0.21
C SER E 5 -37.70 -1.26 -0.90
N GLN E 6 -37.82 -1.73 -2.14
CA GLN E 6 -37.34 -0.96 -3.28
C GLN E 6 -38.34 0.12 -3.63
N SER E 7 -37.85 1.33 -3.85
CA SER E 7 -38.70 2.49 -4.07
C SER E 7 -38.13 3.30 -5.23
N PRO E 8 -38.98 3.97 -6.04
CA PRO E 8 -40.45 4.03 -6.06
C PRO E 8 -41.08 2.81 -6.70
N ALA E 9 -42.32 2.96 -7.17
CA ALA E 9 -42.96 1.88 -7.91
C ALA E 9 -42.57 1.95 -9.39
N ILE E 10 -42.57 3.16 -9.95
CA ILE E 10 -42.28 3.38 -11.36
C ILE E 10 -41.59 4.74 -11.49
N LEU E 11 -40.63 4.82 -12.41
CA LEU E 11 -39.89 6.04 -12.65
C LEU E 11 -39.98 6.40 -14.13
N SER E 12 -39.99 7.70 -14.42
CA SER E 12 -40.07 8.19 -15.80
C SER E 12 -39.25 9.46 -15.92
N ALA E 13 -38.53 9.59 -17.03
CA ALA E 13 -37.62 10.71 -17.22
C ALA E 13 -37.43 11.00 -18.69
N SER E 14 -37.29 12.28 -19.00
CA SER E 14 -36.94 12.73 -20.34
C SER E 14 -35.48 12.42 -20.63
N PRO E 15 -35.14 12.13 -21.90
CA PRO E 15 -33.76 11.72 -22.21
C PRO E 15 -32.74 12.84 -22.06
N GLY E 16 -31.79 12.64 -21.16
CA GLY E 16 -30.72 13.60 -20.92
C GLY E 16 -30.78 14.28 -19.57
N GLU E 17 -31.21 13.58 -18.54
CA GLU E 17 -31.24 14.15 -17.20
C GLU E 17 -30.69 13.12 -16.21
N LYS E 18 -30.82 13.42 -14.92
CA LYS E 18 -30.25 12.61 -13.85
C LYS E 18 -31.37 12.01 -13.00
N VAL E 19 -31.30 10.71 -12.76
CA VAL E 19 -32.31 10.01 -11.98
C VAL E 19 -31.65 9.30 -10.81
N THR E 20 -32.47 8.94 -9.82
CA THR E 20 -32.00 8.29 -8.61
C THR E 20 -33.04 7.30 -8.15
N MET E 21 -32.60 6.07 -7.86
CA MET E 21 -33.49 4.96 -7.53
C MET E 21 -32.92 4.29 -6.30
N THR E 22 -33.73 4.12 -5.26
CA THR E 22 -33.24 3.76 -3.93
C THR E 22 -33.77 2.41 -3.50
N CYS E 23 -33.07 1.78 -2.56
CA CYS E 23 -33.49 0.53 -1.92
C CYS E 23 -33.08 0.59 -0.46
N ARG E 24 -34.02 0.32 0.44
CA ARG E 24 -33.72 0.28 1.86
C ARG E 24 -34.11 -1.07 2.46
N ALA E 25 -33.27 -1.55 3.36
CA ALA E 25 -33.41 -2.89 3.94
C ALA E 25 -33.85 -2.82 5.39
N SER E 26 -34.21 -3.98 5.93
CA SER E 26 -34.69 -4.06 7.30
C SER E 26 -33.55 -3.93 8.30
N SER E 27 -32.36 -4.37 7.93
CA SER E 27 -31.18 -4.21 8.77
C SER E 27 -29.97 -4.11 7.85
N SER E 28 -28.79 -4.32 8.41
CA SER E 28 -27.56 -4.26 7.64
C SER E 28 -27.35 -5.57 6.90
N VAL E 29 -26.95 -5.47 5.64
CA VAL E 29 -26.62 -6.62 4.81
C VAL E 29 -25.16 -6.54 4.42
N SER E 30 -24.58 -7.69 4.12
CA SER E 30 -23.17 -7.78 3.74
C SER E 30 -22.88 -7.30 2.33
N TYR E 31 -23.72 -7.65 1.36
CA TYR E 31 -23.49 -7.25 -0.02
C TYR E 31 -24.80 -6.81 -0.64
N LEU E 32 -24.71 -6.09 -1.75
CA LEU E 32 -25.90 -5.66 -2.47
C LEU E 32 -25.60 -5.54 -3.95
N HIS E 33 -26.43 -6.15 -4.78
CA HIS E 33 -26.23 -6.16 -6.22
C HIS E 33 -27.50 -5.71 -6.92
N TRP E 34 -27.33 -5.20 -8.13
CA TRP E 34 -28.42 -4.72 -8.97
C TRP E 34 -28.39 -5.44 -10.31
N TYR E 35 -29.56 -5.77 -10.83
CA TYR E 35 -29.66 -6.45 -12.12
C TYR E 35 -30.57 -5.66 -13.05
N GLN E 36 -30.49 -5.97 -14.33
CA GLN E 36 -31.31 -5.31 -15.34
C GLN E 36 -31.97 -6.38 -16.20
N GLN E 37 -33.30 -6.32 -16.32
CA GLN E 37 -34.04 -7.26 -17.14
C GLN E 37 -34.85 -6.49 -18.18
N LYS E 38 -34.47 -6.61 -19.44
CA LYS E 38 -35.36 -6.18 -20.50
C LYS E 38 -36.47 -7.22 -20.66
N PRO E 39 -37.72 -6.79 -20.84
CA PRO E 39 -38.85 -7.73 -20.83
C PRO E 39 -38.87 -8.68 -22.02
N GLY E 40 -38.55 -9.94 -21.75
CA GLY E 40 -38.39 -10.94 -22.79
C GLY E 40 -36.97 -11.46 -22.87
N SER E 41 -36.22 -11.30 -21.79
CA SER E 41 -34.83 -11.75 -21.74
C SER E 41 -34.47 -12.01 -20.28
N SER E 42 -33.35 -12.71 -20.06
CA SER E 42 -32.84 -13.08 -18.76
C SER E 42 -32.19 -11.89 -18.07
N PRO E 43 -32.24 -11.82 -16.75
CA PRO E 43 -31.61 -10.69 -16.05
C PRO E 43 -30.10 -10.75 -16.14
N LYS E 44 -29.48 -9.63 -16.48
CA LYS E 44 -28.06 -9.45 -16.67
C LYS E 44 -27.42 -8.86 -15.43
N PRO E 45 -26.22 -9.30 -15.07
CA PRO E 45 -25.58 -8.75 -13.87
C PRO E 45 -25.03 -7.35 -14.10
N TRP E 46 -25.71 -6.36 -13.52
CA TRP E 46 -25.23 -4.99 -13.45
C TRP E 46 -24.52 -4.80 -12.12
N ILE E 47 -24.40 -3.55 -11.67
CA ILE E 47 -23.60 -3.06 -10.54
C ILE E 47 -23.65 -3.96 -9.31
N SER E 48 -22.48 -4.40 -8.84
CA SER E 48 -22.36 -5.45 -7.85
C SER E 48 -21.49 -4.99 -6.70
N ALA E 49 -21.84 -5.44 -5.49
CA ALA E 49 -21.25 -5.00 -4.22
C ALA E 49 -21.25 -3.48 -4.05
N THR E 50 -22.37 -2.88 -4.42
CA THR E 50 -22.83 -1.49 -4.21
C THR E 50 -22.07 -0.43 -5.01
N SER E 51 -20.91 -0.77 -5.54
CA SER E 51 -20.21 0.19 -6.37
C SER E 51 -19.71 -0.30 -7.71
N ASN E 52 -19.29 -1.56 -7.80
CA ASN E 52 -18.50 -2.02 -8.94
C ASN E 52 -19.37 -2.23 -10.16
N LEU E 53 -19.07 -1.50 -11.23
CA LEU E 53 -19.76 -1.66 -12.49
C LEU E 53 -19.26 -2.90 -13.21
N ALA E 54 -20.18 -3.59 -13.87
CA ALA E 54 -19.86 -4.86 -14.50
C ALA E 54 -19.13 -4.67 -15.83
N SER E 55 -19.05 -5.74 -16.59
CA SER E 55 -18.33 -5.74 -17.86
C SER E 55 -19.25 -5.29 -18.98
N GLY E 56 -18.85 -4.24 -19.70
CA GLY E 56 -19.64 -3.71 -20.79
C GLY E 56 -20.67 -2.69 -20.39
N VAL E 57 -20.75 -2.33 -19.12
CA VAL E 57 -21.71 -1.37 -18.60
C VAL E 57 -21.18 0.03 -18.89
N PRO E 58 -21.99 0.93 -19.47
CA PRO E 58 -21.51 2.29 -19.74
C PRO E 58 -21.23 3.06 -18.46
N ALA E 59 -20.35 4.04 -18.58
CA ALA E 59 -19.83 4.77 -17.42
C ALA E 59 -20.76 5.87 -16.93
N ARG E 60 -22.00 5.91 -17.41
CA ARG E 60 -22.99 6.86 -16.92
C ARG E 60 -23.78 6.31 -15.75
N PHE E 61 -23.50 5.10 -15.31
CA PHE E 61 -24.19 4.46 -14.21
C PHE E 61 -23.34 4.52 -12.95
N SER E 62 -24.00 4.70 -11.81
CA SER E 62 -23.29 4.82 -10.54
C SER E 62 -24.18 4.26 -9.43
N GLY E 63 -23.53 3.82 -8.36
CA GLY E 63 -24.23 3.35 -7.18
C GLY E 63 -23.45 3.65 -5.93
N SER E 64 -24.14 3.97 -4.83
CA SER E 64 -23.45 4.35 -3.60
C SER E 64 -24.32 3.94 -2.42
N GLY E 65 -23.98 4.47 -1.25
CA GLY E 65 -24.75 4.25 -0.05
C GLY E 65 -24.21 3.11 0.80
N SER E 66 -24.54 3.15 2.08
CA SER E 66 -24.24 2.08 3.01
C SER E 66 -25.24 2.16 4.16
N GLY E 67 -24.96 1.41 5.22
CA GLY E 67 -25.86 1.37 6.37
C GLY E 67 -27.11 0.57 6.07
N THR E 68 -28.24 1.28 5.96
CA THR E 68 -29.49 0.68 5.53
C THR E 68 -30.09 1.35 4.31
N SER E 69 -29.44 2.38 3.76
CA SER E 69 -29.97 3.11 2.62
C SER E 69 -29.00 3.00 1.44
N TYR E 70 -29.50 2.47 0.34
CA TYR E 70 -28.70 2.28 -0.87
C TYR E 70 -29.39 3.04 -2.01
N SER E 71 -28.65 3.30 -3.08
CA SER E 71 -29.18 4.03 -4.22
C SER E 71 -28.45 3.65 -5.50
N LEU E 72 -29.10 3.91 -6.62
CA LEU E 72 -28.51 3.75 -7.94
C LEU E 72 -28.85 4.99 -8.74
N THR E 73 -27.87 5.49 -9.50
CA THR E 73 -28.01 6.78 -10.15
C THR E 73 -27.44 6.73 -11.56
N ILE E 74 -28.27 7.06 -12.55
CA ILE E 74 -27.83 7.26 -13.91
C ILE E 74 -27.50 8.73 -14.08
N SER E 75 -26.32 9.03 -14.64
CA SER E 75 -25.91 10.42 -14.76
C SER E 75 -26.70 11.14 -15.85
N ARG E 76 -26.56 10.71 -17.10
CA ARG E 76 -27.31 11.25 -18.22
C ARG E 76 -28.06 10.11 -18.87
N VAL E 77 -29.39 10.23 -18.94
CA VAL E 77 -30.24 9.13 -19.39
C VAL E 77 -30.07 8.98 -20.91
N GLU E 78 -29.46 7.88 -21.33
CA GLU E 78 -29.39 7.53 -22.74
C GLU E 78 -30.64 6.73 -23.08
N ALA E 79 -30.75 6.29 -24.33
CA ALA E 79 -32.00 5.70 -24.82
C ALA E 79 -32.02 4.19 -24.81
N GLU E 80 -30.94 3.54 -24.37
CA GLU E 80 -30.84 2.09 -24.42
C GLU E 80 -30.93 1.42 -23.05
N ASP E 81 -31.68 2.01 -22.13
CA ASP E 81 -31.91 1.40 -20.82
C ASP E 81 -33.37 1.58 -20.42
N ALA E 82 -34.28 1.26 -21.34
CA ALA E 82 -35.70 1.25 -21.02
C ALA E 82 -36.01 -0.16 -20.58
N ALA E 83 -35.82 -0.42 -19.28
CA ALA E 83 -36.00 -1.75 -18.72
C ALA E 83 -36.38 -1.61 -17.26
N THR E 84 -36.34 -2.72 -16.53
CA THR E 84 -36.61 -2.72 -15.10
C THR E 84 -35.37 -3.17 -14.34
N TYR E 85 -35.29 -2.76 -13.06
CA TYR E 85 -34.10 -2.96 -12.26
C TYR E 85 -34.45 -3.58 -10.92
N TYR E 86 -33.87 -4.75 -10.65
CA TYR E 86 -34.08 -5.47 -9.41
C TYR E 86 -32.88 -5.31 -8.48
N CYS E 87 -33.07 -5.65 -7.22
CA CYS E 87 -32.05 -5.46 -6.19
C CYS E 87 -32.01 -6.68 -5.30
N GLN E 88 -30.81 -7.16 -4.98
CA GLN E 88 -30.60 -8.43 -4.29
C GLN E 88 -29.64 -8.23 -3.12
N GLN E 89 -29.92 -8.90 -2.00
CA GLN E 89 -29.05 -8.88 -0.83
C GLN E 89 -28.41 -10.24 -0.60
N TRP E 90 -27.31 -10.24 0.15
CA TRP E 90 -26.53 -11.45 0.39
C TRP E 90 -26.07 -11.57 1.83
N SER E 91 -26.95 -11.35 2.81
CA SER E 91 -26.54 -11.41 4.20
C SER E 91 -26.63 -12.85 4.71
N SER E 92 -26.50 -13.03 6.03
CA SER E 92 -26.63 -14.36 6.62
C SER E 92 -28.08 -14.81 6.65
N ASN E 93 -29.01 -13.88 6.60
CA ASN E 93 -30.40 -14.21 6.33
C ASN E 93 -30.52 -14.70 4.88
N PRO E 94 -31.50 -15.60 4.57
CA PRO E 94 -31.37 -16.48 3.39
C PRO E 94 -31.17 -15.84 2.01
N LEU E 95 -32.13 -15.05 1.53
CA LEU E 95 -32.04 -14.30 0.28
C LEU E 95 -33.30 -13.45 0.18
N SER E 96 -33.23 -12.40 -0.63
CA SER E 96 -34.38 -11.55 -0.89
C SER E 96 -34.25 -10.95 -2.27
N PHE E 97 -35.27 -10.20 -2.67
CA PHE E 97 -35.24 -9.45 -3.91
C PHE E 97 -36.04 -8.18 -3.73
N GLY E 98 -35.79 -7.20 -4.59
CA GLY E 98 -36.34 -5.87 -4.42
C GLY E 98 -37.79 -5.67 -4.83
N GLY E 99 -38.09 -5.83 -6.12
CA GLY E 99 -39.42 -5.52 -6.60
C GLY E 99 -39.50 -4.91 -7.98
N GLY E 100 -38.36 -4.54 -8.57
CA GLY E 100 -38.35 -4.17 -9.97
C GLY E 100 -38.95 -2.84 -10.38
N THR E 101 -38.28 -1.74 -10.05
CA THR E 101 -38.68 -0.42 -10.52
C THR E 101 -38.48 -0.33 -12.03
N LYS E 102 -39.51 0.11 -12.75
CA LYS E 102 -39.44 0.22 -14.20
C LYS E 102 -39.06 1.62 -14.65
N LEU E 103 -38.16 1.70 -15.63
CA LEU E 103 -37.72 2.97 -16.20
C LEU E 103 -38.04 3.03 -17.68
N GLU E 104 -38.92 3.96 -18.05
CA GLU E 104 -39.28 4.20 -19.45
C GLU E 104 -39.10 5.67 -19.78
N LEU E 105 -38.80 5.95 -21.04
CA LEU E 105 -38.46 7.30 -21.47
C LEU E 105 -39.71 8.15 -21.69
N LYS E 106 -39.70 9.35 -21.13
CA LYS E 106 -40.81 10.29 -21.28
C LYS E 106 -40.63 11.14 -22.54
N GLU F 1 -15.29 -18.84 -23.33
CA GLU F 1 -16.36 -18.18 -22.62
C GLU F 1 -17.00 -19.13 -21.61
N ILE F 2 -17.69 -18.56 -20.63
CA ILE F 2 -18.41 -19.33 -19.62
C ILE F 2 -19.88 -19.28 -20.00
N GLN F 3 -20.47 -20.44 -20.28
CA GLN F 3 -21.83 -20.50 -20.78
C GLN F 3 -22.64 -21.51 -19.98
N LEU F 4 -23.89 -21.16 -19.71
CA LEU F 4 -24.83 -22.06 -19.05
C LEU F 4 -26.00 -22.28 -19.99
N GLN F 5 -26.30 -23.56 -20.24
CA GLN F 5 -27.29 -23.93 -21.24
C GLN F 5 -28.34 -24.84 -20.62
N GLN F 6 -29.60 -24.55 -20.90
CA GLN F 6 -30.72 -25.27 -20.31
C GLN F 6 -31.48 -26.03 -21.39
N SER F 7 -32.60 -26.63 -20.98
CA SER F 7 -33.39 -27.48 -21.86
C SER F 7 -34.46 -26.65 -22.57
N GLY F 8 -35.40 -27.32 -23.21
CA GLY F 8 -36.47 -26.66 -23.92
C GLY F 8 -37.74 -26.59 -23.10
N PRO F 9 -38.67 -25.71 -23.49
CA PRO F 9 -39.89 -25.51 -22.71
C PRO F 9 -40.88 -26.65 -22.91
N GLU F 10 -41.53 -27.07 -21.84
CA GLU F 10 -42.55 -28.10 -21.89
C GLU F 10 -43.86 -27.59 -21.30
N LEU F 11 -44.90 -28.41 -21.42
CA LEU F 11 -46.17 -28.22 -20.73
C LEU F 11 -46.50 -29.49 -19.96
N VAL F 12 -47.19 -29.33 -18.84
CA VAL F 12 -47.59 -30.45 -18.01
C VAL F 12 -49.06 -30.30 -17.64
N LYS F 13 -49.56 -31.27 -16.89
CA LYS F 13 -50.92 -31.31 -16.39
C LYS F 13 -50.87 -30.96 -14.90
N PRO F 14 -51.99 -30.53 -14.32
CA PRO F 14 -52.03 -30.35 -12.86
C PRO F 14 -51.84 -31.68 -12.13
N GLY F 15 -50.99 -31.64 -11.11
CA GLY F 15 -50.65 -32.82 -10.35
C GLY F 15 -49.52 -33.64 -10.93
N ALA F 16 -48.82 -33.14 -11.94
CA ALA F 16 -47.74 -33.85 -12.59
C ALA F 16 -46.39 -33.36 -12.05
N SER F 17 -45.33 -33.83 -12.69
CA SER F 17 -43.97 -33.45 -12.31
C SER F 17 -43.16 -33.23 -13.58
N VAL F 18 -42.10 -32.44 -13.44
CA VAL F 18 -41.24 -32.11 -14.58
C VAL F 18 -39.83 -31.87 -14.04
N LYS F 19 -38.83 -32.35 -14.78
CA LYS F 19 -37.43 -32.19 -14.42
C LYS F 19 -36.75 -31.28 -15.44
N VAL F 20 -36.19 -30.18 -14.97
CA VAL F 20 -35.50 -29.22 -15.81
C VAL F 20 -34.00 -29.39 -15.62
N SER F 21 -33.24 -28.92 -16.60
CA SER F 21 -31.80 -29.14 -16.64
C SER F 21 -31.08 -27.82 -16.85
N CYS F 22 -29.80 -27.81 -16.49
CA CYS F 22 -28.93 -26.64 -16.65
C CYS F 22 -27.51 -27.16 -16.83
N LYS F 23 -27.09 -27.31 -18.08
CA LYS F 23 -25.76 -27.85 -18.37
C LYS F 23 -24.73 -26.75 -18.36
N ALA F 24 -23.69 -26.92 -17.54
CA ALA F 24 -22.66 -25.90 -17.38
C ALA F 24 -21.39 -26.36 -18.08
N SER F 25 -20.81 -25.47 -18.88
CA SER F 25 -19.60 -25.77 -19.62
C SER F 25 -18.78 -24.51 -19.75
N GLY F 26 -17.47 -24.68 -19.95
CA GLY F 26 -16.56 -23.57 -20.07
C GLY F 26 -15.69 -23.31 -18.85
N TYR F 27 -15.90 -24.05 -17.76
CA TYR F 27 -15.16 -23.83 -16.53
C TYR F 27 -15.17 -25.14 -15.74
N SER F 28 -14.57 -25.11 -14.55
CA SER F 28 -14.49 -26.30 -13.70
C SER F 28 -15.75 -26.37 -12.85
N PHE F 29 -16.50 -27.46 -13.02
CA PHE F 29 -17.89 -27.51 -12.58
C PHE F 29 -18.05 -27.54 -11.07
N THR F 30 -17.14 -28.17 -10.34
CA THR F 30 -17.32 -28.33 -8.90
C THR F 30 -16.86 -27.14 -8.08
N ASP F 31 -16.43 -26.05 -8.72
CA ASP F 31 -15.89 -24.93 -7.96
C ASP F 31 -16.95 -23.97 -7.44
N TYR F 32 -18.14 -23.93 -8.05
CA TYR F 32 -19.11 -22.90 -7.72
C TYR F 32 -20.47 -23.52 -7.49
N ASN F 33 -21.28 -22.83 -6.68
CA ASN F 33 -22.65 -23.24 -6.43
C ASN F 33 -23.53 -22.92 -7.63
N ILE F 34 -24.73 -23.49 -7.64
CA ILE F 34 -25.70 -23.23 -8.69
C ILE F 34 -27.02 -22.86 -8.03
N TYR F 35 -27.49 -21.64 -8.30
CA TYR F 35 -28.71 -21.12 -7.70
C TYR F 35 -29.87 -21.25 -8.67
N TRP F 36 -31.06 -21.47 -8.12
CA TRP F 36 -32.27 -21.62 -8.92
C TRP F 36 -33.27 -20.55 -8.49
N VAL F 37 -33.72 -19.73 -9.43
CA VAL F 37 -34.73 -18.72 -9.17
C VAL F 37 -35.87 -18.92 -10.16
N LYS F 38 -37.00 -18.25 -9.88
CA LYS F 38 -38.14 -18.29 -10.76
C LYS F 38 -38.66 -16.87 -10.97
N GLN F 39 -39.19 -16.63 -12.17
CA GLN F 39 -39.72 -15.33 -12.54
C GLN F 39 -41.15 -15.55 -12.98
N SER F 40 -42.10 -15.00 -12.22
CA SER F 40 -43.49 -15.09 -12.60
C SER F 40 -43.77 -14.13 -13.76
N HIS F 41 -44.91 -14.32 -14.42
CA HIS F 41 -45.25 -13.53 -15.59
C HIS F 41 -45.59 -12.08 -15.24
N GLY F 42 -45.95 -11.79 -13.99
CA GLY F 42 -46.26 -10.43 -13.61
C GLY F 42 -45.55 -9.93 -12.37
N LYS F 43 -44.98 -10.85 -11.60
CA LYS F 43 -44.40 -10.51 -10.31
C LYS F 43 -42.88 -10.40 -10.41
N SER F 44 -42.24 -10.25 -9.26
CA SER F 44 -40.79 -10.13 -9.15
C SER F 44 -40.16 -11.52 -9.12
N LEU F 45 -38.88 -11.57 -8.75
CA LEU F 45 -38.14 -12.82 -8.69
C LEU F 45 -38.24 -13.41 -7.30
N GLU F 46 -38.09 -14.74 -7.23
CA GLU F 46 -38.11 -15.46 -5.97
C GLU F 46 -37.06 -16.56 -5.99
N TRP F 47 -36.53 -16.86 -4.82
CA TRP F 47 -35.42 -17.79 -4.67
C TRP F 47 -35.94 -19.16 -4.25
N ILE F 48 -35.45 -20.19 -4.93
CA ILE F 48 -35.88 -21.56 -4.65
C ILE F 48 -34.87 -22.26 -3.74
N GLY F 49 -33.61 -22.21 -4.13
CA GLY F 49 -32.56 -22.87 -3.36
C GLY F 49 -31.31 -22.99 -4.19
N TYR F 50 -30.29 -23.60 -3.57
CA TYR F 50 -29.03 -23.83 -4.25
C TYR F 50 -28.49 -25.21 -3.91
N VAL F 51 -27.48 -25.63 -4.66
CA VAL F 51 -26.84 -26.92 -4.49
C VAL F 51 -25.34 -26.75 -4.68
N ASP F 52 -24.56 -27.47 -3.87
CA ASP F 52 -23.11 -27.47 -4.00
C ASP F 52 -22.71 -28.73 -4.75
N PRO F 53 -22.10 -28.62 -5.94
CA PRO F 53 -21.79 -29.84 -6.71
C PRO F 53 -20.65 -30.67 -6.17
N TYR F 54 -19.90 -30.19 -5.19
CA TYR F 54 -18.77 -30.97 -4.68
C TYR F 54 -19.24 -32.07 -3.74
N ASN F 55 -20.21 -31.78 -2.88
CA ASN F 55 -20.69 -32.76 -1.92
C ASN F 55 -22.18 -32.99 -1.95
N GLY F 56 -22.95 -32.16 -2.66
CA GLY F 56 -24.37 -32.40 -2.78
C GLY F 56 -25.22 -31.87 -1.64
N ASN F 57 -24.73 -30.88 -0.90
CA ASN F 57 -25.53 -30.28 0.17
C ASN F 57 -26.52 -29.29 -0.45
N THR F 58 -27.78 -29.70 -0.45
CA THR F 58 -28.84 -28.85 -0.98
C THR F 58 -29.45 -28.02 0.12
N ASN F 59 -29.71 -26.75 -0.18
CA ASN F 59 -30.42 -25.84 0.71
C ASN F 59 -31.63 -25.29 -0.02
N TYR F 60 -32.68 -24.96 0.72
CA TYR F 60 -33.95 -24.61 0.12
C TYR F 60 -34.59 -23.42 0.82
N ASN F 61 -35.49 -22.77 0.08
CA ASN F 61 -36.37 -21.75 0.64
C ASN F 61 -37.41 -22.40 1.55
N GLN F 62 -38.06 -21.58 2.36
CA GLN F 62 -39.07 -22.14 3.25
C GLN F 62 -40.39 -22.37 2.55
N LYS F 63 -40.61 -21.72 1.41
CA LYS F 63 -41.84 -21.93 0.65
C LYS F 63 -41.75 -23.17 -0.22
N PHE F 64 -40.59 -23.42 -0.81
CA PHE F 64 -40.39 -24.49 -1.78
C PHE F 64 -39.71 -25.70 -1.14
N LYS F 65 -39.97 -25.94 0.14
CA LYS F 65 -39.21 -26.94 0.89
C LYS F 65 -39.56 -28.36 0.48
N GLY F 66 -40.82 -28.66 0.19
CA GLY F 66 -41.19 -30.01 -0.16
C GLY F 66 -41.56 -30.19 -1.62
N LYS F 67 -41.67 -29.09 -2.35
CA LYS F 67 -42.16 -29.12 -3.72
C LYS F 67 -41.06 -29.03 -4.76
N ALA F 68 -39.79 -29.03 -4.36
CA ALA F 68 -38.68 -29.01 -5.29
C ALA F 68 -37.50 -29.78 -4.72
N THR F 69 -36.79 -30.48 -5.59
CA THR F 69 -35.63 -31.27 -5.20
C THR F 69 -34.53 -31.06 -6.22
N LEU F 70 -33.36 -30.64 -5.76
CA LEU F 70 -32.21 -30.40 -6.62
C LEU F 70 -31.21 -31.53 -6.47
N THR F 71 -30.61 -31.92 -7.59
CA THR F 71 -29.59 -32.96 -7.61
C THR F 71 -28.58 -32.60 -8.69
N VAL F 72 -27.52 -33.39 -8.80
CA VAL F 72 -26.38 -33.02 -9.64
C VAL F 72 -25.76 -34.31 -10.17
N ASP F 73 -24.99 -34.18 -11.26
CA ASP F 73 -24.29 -35.32 -11.88
C ASP F 73 -22.92 -34.82 -12.31
N LYS F 74 -21.89 -35.14 -11.53
CA LYS F 74 -20.56 -34.60 -11.75
C LYS F 74 -19.89 -35.14 -13.01
N SER F 75 -20.28 -36.32 -13.48
CA SER F 75 -19.66 -36.93 -14.63
C SER F 75 -20.00 -36.24 -15.94
N SER F 76 -21.08 -35.47 -15.98
CA SER F 76 -21.50 -34.79 -17.20
C SER F 76 -21.63 -33.28 -17.05
N SER F 77 -21.43 -32.75 -15.85
CA SER F 77 -21.48 -31.31 -15.52
C SER F 77 -22.85 -30.69 -15.85
N THR F 78 -23.90 -31.40 -15.45
CA THR F 78 -25.26 -30.89 -15.55
C THR F 78 -25.90 -30.86 -14.16
N ALA F 79 -26.86 -29.97 -13.98
CA ALA F 79 -27.63 -29.88 -12.74
C ALA F 79 -29.10 -30.08 -13.06
N PHE F 80 -29.79 -30.83 -12.21
CA PHE F 80 -31.19 -31.15 -12.41
C PHE F 80 -32.02 -30.54 -11.30
N MET F 81 -33.31 -30.35 -11.59
CA MET F 81 -34.25 -29.86 -10.58
C MET F 81 -35.58 -30.54 -10.82
N HIS F 82 -36.08 -31.25 -9.81
CA HIS F 82 -37.33 -31.99 -9.91
C HIS F 82 -38.42 -31.22 -9.17
N LEU F 83 -39.54 -30.98 -9.86
CA LEU F 83 -40.64 -30.19 -9.32
C LEU F 83 -41.81 -31.11 -8.98
N ASN F 84 -42.22 -31.09 -7.73
CA ASN F 84 -43.32 -31.91 -7.24
C ASN F 84 -44.58 -31.07 -7.16
N SER F 85 -45.71 -31.69 -7.52
CA SER F 85 -47.06 -31.15 -7.37
C SER F 85 -47.23 -29.82 -8.11
N LEU F 86 -47.17 -29.89 -9.44
CA LEU F 86 -47.35 -28.71 -10.28
C LEU F 86 -48.77 -28.19 -10.15
N THR F 87 -48.91 -26.88 -10.10
CA THR F 87 -50.14 -26.23 -9.67
C THR F 87 -50.64 -25.23 -10.71
N SER F 88 -51.58 -24.37 -10.35
CA SER F 88 -52.17 -23.45 -11.30
C SER F 88 -51.34 -22.20 -11.53
N GLU F 89 -50.60 -21.72 -10.53
CA GLU F 89 -49.96 -20.41 -10.60
C GLU F 89 -48.52 -20.45 -11.11
N VAL F 90 -48.11 -21.53 -11.77
CA VAL F 90 -46.70 -21.69 -12.13
C VAL F 90 -46.51 -21.61 -13.64
N SER F 91 -47.29 -20.77 -14.31
CA SER F 91 -47.02 -20.40 -15.70
C SER F 91 -45.92 -19.35 -15.73
N THR F 92 -44.70 -19.81 -15.42
CA THR F 92 -43.55 -18.97 -15.12
C THR F 92 -42.36 -19.45 -15.93
N VAL F 93 -41.18 -18.96 -15.56
CA VAL F 93 -39.91 -19.35 -16.19
C VAL F 93 -38.88 -19.57 -15.09
N TYR F 94 -38.05 -20.60 -15.26
CA TYR F 94 -37.09 -21.02 -14.26
C TYR F 94 -35.67 -20.81 -14.75
N TYR F 95 -34.87 -20.10 -13.95
CA TYR F 95 -33.51 -19.75 -14.31
C TYR F 95 -32.50 -20.49 -13.44
N CYS F 96 -31.30 -20.68 -13.98
CA CYS F 96 -30.17 -21.19 -13.20
C CYS F 96 -29.03 -20.19 -13.31
N ALA F 97 -28.33 -19.98 -12.20
CA ALA F 97 -27.25 -19.01 -12.15
C ALA F 97 -26.07 -19.60 -11.40
N ARG F 98 -24.88 -19.11 -11.71
CA ARG F 98 -23.65 -19.57 -11.06
C ARG F 98 -23.24 -18.57 -10.00
N GLY F 99 -23.09 -19.05 -8.77
CA GLY F 99 -22.74 -18.17 -7.66
C GLY F 99 -21.34 -18.35 -7.15
N GLY F 100 -21.12 -18.12 -5.87
CA GLY F 100 -19.78 -18.19 -5.33
C GLY F 100 -19.56 -19.12 -4.18
N GLY F 101 -20.60 -19.40 -3.40
CA GLY F 101 -20.41 -20.14 -2.17
C GLY F 101 -21.18 -19.59 -0.99
N TYR F 102 -22.10 -18.66 -1.28
CA TYR F 102 -23.07 -18.14 -0.32
C TYR F 102 -22.53 -17.49 0.94
N TYR F 103 -22.15 -16.22 0.82
CA TYR F 103 -21.88 -15.24 1.87
C TYR F 103 -20.50 -15.45 2.47
N GLY F 104 -19.80 -16.52 2.14
CA GLY F 104 -18.38 -16.49 2.33
C GLY F 104 -17.78 -15.73 1.18
N GLY F 105 -18.36 -15.92 0.01
CA GLY F 105 -17.74 -15.44 -1.21
C GLY F 105 -18.70 -14.91 -2.24
N GLY F 106 -19.80 -14.32 -1.81
CA GLY F 106 -20.60 -13.61 -2.79
C GLY F 106 -20.22 -12.16 -2.82
N TYR F 107 -19.27 -11.84 -3.69
CA TYR F 107 -18.85 -10.47 -3.95
C TYR F 107 -19.00 -10.11 -5.41
N TYR F 108 -18.92 -11.09 -6.30
CA TYR F 108 -19.30 -10.96 -7.69
C TYR F 108 -20.79 -11.17 -7.91
N GLY F 109 -21.53 -11.56 -6.87
CA GLY F 109 -22.93 -11.90 -7.03
C GLY F 109 -23.25 -13.15 -7.81
N MET F 110 -24.47 -13.20 -8.36
CA MET F 110 -24.79 -14.16 -9.42
C MET F 110 -24.45 -13.78 -10.87
N ASP F 111 -23.30 -14.23 -11.35
CA ASP F 111 -22.59 -13.58 -12.43
C ASP F 111 -22.79 -14.22 -13.80
N TYR F 112 -23.42 -15.37 -13.91
CA TYR F 112 -23.65 -16.02 -15.18
C TYR F 112 -25.00 -16.73 -15.12
N TRP F 113 -25.97 -16.23 -15.87
CA TRP F 113 -27.32 -16.77 -15.86
C TRP F 113 -27.52 -17.62 -17.11
N GLY F 114 -28.68 -18.29 -17.17
CA GLY F 114 -29.05 -19.10 -18.31
C GLY F 114 -30.10 -18.44 -19.18
N GLN F 115 -30.62 -19.22 -20.12
CA GLN F 115 -31.71 -18.75 -20.98
C GLN F 115 -33.03 -18.76 -20.21
N GLY F 116 -33.36 -19.89 -19.61
CA GLY F 116 -34.58 -20.02 -18.85
C GLY F 116 -35.62 -20.84 -19.58
N THR F 117 -36.14 -21.88 -18.93
CA THR F 117 -37.19 -22.71 -19.49
C THR F 117 -38.52 -22.23 -18.93
N SER F 118 -39.51 -22.08 -19.80
CA SER F 118 -40.83 -21.61 -19.42
C SER F 118 -41.79 -22.79 -19.43
N VAL F 119 -42.35 -23.12 -18.27
CA VAL F 119 -43.29 -24.23 -18.17
C VAL F 119 -44.70 -23.68 -18.03
N THR F 120 -45.67 -24.42 -18.59
CA THR F 120 -47.07 -24.03 -18.54
C THR F 120 -47.87 -25.18 -17.96
N VAL F 121 -49.03 -24.84 -17.39
CA VAL F 121 -49.93 -25.81 -16.78
C VAL F 121 -51.30 -25.67 -17.42
N SER F 122 -51.68 -26.67 -18.21
CA SER F 122 -52.90 -26.56 -19.00
C SER F 122 -53.42 -27.96 -19.31
N SER F 123 -54.65 -28.00 -19.83
CA SER F 123 -55.26 -29.26 -20.25
C SER F 123 -55.37 -29.33 -21.77
C1 PLM G . 4.45 18.71 6.59
O1 PLM G . 3.22 18.55 6.84
O2 PLM G . 5.29 17.88 6.15
C2 PLM G . 5.03 20.13 6.86
C3 PLM G . 6.46 20.34 6.38
C4 PLM G . 7.24 21.36 7.21
C5 PLM G . 6.75 22.80 7.06
C6 PLM G . 7.54 23.79 7.92
C7 PLM G . 7.30 25.25 7.57
C8 PLM G . 8.24 26.21 8.30
C9 PLM G . 7.60 27.55 8.65
CA PLM G . 8.10 28.71 7.81
CB PLM G . 8.51 29.94 8.61
CC PLM G . 8.91 31.11 7.72
CD PLM G . 9.51 32.31 8.45
CE PLM G . 9.84 33.47 7.51
CF PLM G . 10.32 34.74 8.22
CG PLM G . 10.60 35.88 7.26
#